data_7QB5
#
_entry.id   7QB5
#
_cell.length_a   305.763
_cell.length_b   365.707
_cell.length_c   366.921
_cell.angle_alpha   90.000
_cell.angle_beta   90.000
_cell.angle_gamma   90.000
#
_symmetry.space_group_name_H-M   'I 2 2 2'
#
loop_
_entity.id
_entity.type
_entity.pdbx_description
1 polymer 'Capsid protein VP1'
2 polymer 'Capsid protein VP2'
3 polymer 'Capsid protein VP3'
4 polymer 'Capsid protein VP4'
5 non-polymer 'N-acetyl-alpha-neuraminic acid'
6 non-polymer HEXANE-1,6-DIOL
7 non-polymer 'CALCIUM ION'
8 non-polymer 'CHLORIDE ION'
9 water water
#
loop_
_entity_poly.entity_id
_entity_poly.type
_entity_poly.pdbx_seq_one_letter_code
_entity_poly.pdbx_strand_id
1 'polypeptide(L)'
;GIEETIDTVITNALQLSQPKPQKQPTAQSTPLTSGVNSQEVPALTAVETGASGQAVPSDVIETRHVVNYKTRSESTLESF
FGRSACVTILEVENFNATTDADRKKQFTTWAITYTDTVQLRRKLEFFTYSRFDLEMTFVITERYYASNTGHARNQVYQLM
YIPPGAPRPTAWDDYTWQSSSNPSVFYTYGSAPPRMSIPYVGIANAYSHFYDGFARVPLKDETVDSGDTYYGLVTINDFG
TLAVRVVNEYNPARITSKIRVYMKPKHVRCWCPRPPRAVPYRGEGVDFKQDSITPLTAVENINTF
;
111
2 'polypeptide(L)'
;SPNVEACGYSDRVRQITLGNSTITTQEAANAVVAYGEWPSYLDDKEANPIDAPTEPDVSSNRFYTLDSVQWKSTSRGWWW
KLPDALKDMGMFGQNMYYHYLGRSGYTVHVQCNASKFHQGALGVFAIPEYVMACNTEAKTSYVSYVNANPGEKGGVFDNA
YNPSAEASEGRKFAALDYLLGCGVLAGNAFVYPHQIINLRTNNSATLVLPYVNSLAIDCMAKHNNWGLVILPLCKLDYAP
NSSTEIPITVTIAPMFTEFNGLRNITVPATQ
;
222
3 'polypeptide(L)'
;GLPTMLTPGSSQFLTSDDFQSPCALPNFDVTPPIHIPGEVFNMMELAEIDSMIPMNSVTGKANTMEMYPIPLDDKGSATP
IFSISLSPASDKRLQYTMLGEILNYYTHWTGSLRFTFLFCGSMMATGKILLSYSPPGAKPPTTRKDAMLGTHIIWDLGLQ
SSCTMLAPWISNTVYRRCIKDDFTEGGYITCFYQTRIVVPSGTPTSMFMLAFVSACPDFSVRLLRDTNHISQRTLFARAQ
;
333
4 'polypeptide(L)' MGAQVSSQKVGAHENTNVATGGSTVNYTTINYYKDSASNAASKLDFSQDPSKFTEPVKDIMIKTAPALN 444
#
loop_
_chem_comp.id
_chem_comp.type
_chem_comp.name
_chem_comp.formula
CA non-polymer 'CALCIUM ION' 'Ca 2'
CL non-polymer 'CHLORIDE ION' 'Cl -1'
HEZ non-polymer HEXANE-1,6-DIOL 'C6 H14 O2'
SIA D-saccharide, alpha linking 'N-acetyl-alpha-neuraminic acid' 'C11 H19 N O9'
#
# COMPACT_ATOMS: atom_id res chain seq x y z
N PRO A 25 -19.53 17.91 4.27
CA PRO A 25 -19.69 16.51 4.76
C PRO A 25 -18.79 16.24 5.99
N THR A 26 -19.37 15.63 7.02
CA THR A 26 -18.72 15.41 8.34
C THR A 26 -18.50 13.90 8.55
N ALA A 27 -17.62 13.56 9.47
CA ALA A 27 -17.49 12.19 10.01
C ALA A 27 -18.78 11.86 10.77
N GLN A 28 -19.00 10.58 11.08
CA GLN A 28 -20.30 10.06 11.53
C GLN A 28 -20.65 10.61 12.93
N SER A 29 -21.88 11.08 13.09
CA SER A 29 -22.52 11.39 14.39
C SER A 29 -22.88 10.07 15.09
N THR A 30 -23.04 10.09 16.40
CA THR A 30 -23.45 8.91 17.19
C THR A 30 -24.92 9.07 17.54
N PRO A 31 -25.80 8.09 17.23
CA PRO A 31 -27.21 8.18 17.62
C PRO A 31 -27.41 7.79 19.08
N LEU A 32 -28.47 8.32 19.69
CA LEU A 32 -28.98 7.89 21.02
C LEU A 32 -29.48 6.44 20.88
N THR A 33 -28.90 5.51 21.64
CA THR A 33 -29.37 4.10 21.69
C THR A 33 -29.32 3.61 23.13
N SER A 34 -30.26 2.75 23.49
CA SER A 34 -30.27 2.04 24.79
C SER A 34 -29.81 0.60 24.52
N GLY A 35 -30.20 -0.35 25.37
CA GLY A 35 -29.76 -1.74 25.28
C GLY A 35 -30.59 -2.55 24.33
N VAL A 36 -30.29 -3.83 24.22
CA VAL A 36 -31.02 -4.79 23.35
C VAL A 36 -31.06 -6.13 24.08
N ASN A 37 -32.03 -6.94 23.71
CA ASN A 37 -32.08 -8.39 24.06
C ASN A 37 -32.76 -9.06 22.87
N SER A 38 -31.96 -9.55 21.92
CA SER A 38 -32.42 -9.71 20.53
C SER A 38 -31.68 -10.83 19.81
N GLN A 39 -32.33 -11.40 18.79
CA GLN A 39 -31.72 -12.32 17.81
C GLN A 39 -30.87 -11.55 16.80
N GLU A 40 -30.91 -10.21 16.79
CA GLU A 40 -29.99 -9.37 15.99
C GLU A 40 -28.64 -9.32 16.70
N VAL A 41 -27.57 -9.80 16.07
CA VAL A 41 -26.23 -9.93 16.70
C VAL A 41 -25.19 -9.23 15.82
N PRO A 42 -25.18 -7.88 15.83
CA PRO A 42 -24.19 -7.13 15.06
C PRO A 42 -22.76 -7.25 15.60
N ALA A 43 -22.57 -7.73 16.82
CA ALA A 43 -21.23 -7.93 17.43
C ALA A 43 -20.47 -9.10 16.79
N LEU A 44 -21.17 -10.07 16.20
CA LEU A 44 -20.53 -11.26 15.58
C LEU A 44 -20.46 -11.07 14.06
N THR A 45 -19.43 -11.60 13.43
CA THR A 45 -19.26 -11.59 11.96
C THR A 45 -18.38 -12.79 11.59
N ALA A 46 -17.92 -12.80 10.34
CA ALA A 46 -16.99 -13.82 9.82
C ALA A 46 -16.05 -13.12 8.85
N VAL A 47 -14.86 -12.74 9.31
CA VAL A 47 -13.88 -11.98 8.47
C VAL A 47 -13.27 -12.92 7.41
N GLU A 48 -13.53 -14.23 7.45
CA GLU A 48 -13.16 -15.16 6.34
C GLU A 48 -13.73 -14.64 5.01
N THR A 49 -14.87 -13.96 5.04
CA THR A 49 -15.56 -13.39 3.86
C THR A 49 -14.67 -12.40 3.11
N GLY A 50 -13.68 -11.80 3.76
CA GLY A 50 -12.86 -10.71 3.19
C GLY A 50 -13.41 -9.35 3.60
N ALA A 51 -14.55 -9.32 4.28
CA ALA A 51 -15.10 -8.09 4.89
C ALA A 51 -14.34 -7.83 6.20
N SER A 52 -13.96 -6.57 6.42
CA SER A 52 -13.48 -6.08 7.74
C SER A 52 -14.66 -6.11 8.73
N GLY A 53 -14.38 -6.08 10.03
CA GLY A 53 -15.39 -5.76 11.04
C GLY A 53 -16.13 -4.48 10.65
N GLN A 54 -17.44 -4.44 10.87
CA GLN A 54 -18.32 -3.30 10.49
C GLN A 54 -18.97 -2.65 11.72
N ALA A 55 -19.08 -3.35 12.85
CA ALA A 55 -19.84 -2.89 14.03
C ALA A 55 -19.29 -1.54 14.51
N VAL A 56 -20.19 -0.68 14.99
CA VAL A 56 -19.85 0.65 15.57
C VAL A 56 -20.35 0.64 17.01
N PRO A 57 -19.93 1.62 17.85
CA PRO A 57 -20.29 1.58 19.28
C PRO A 57 -21.79 1.40 19.58
N SER A 58 -22.68 2.05 18.81
CA SER A 58 -24.14 1.96 19.03
C SER A 58 -24.64 0.50 18.88
N ASP A 59 -23.87 -0.36 18.21
CA ASP A 59 -24.19 -1.81 18.07
C ASP A 59 -23.91 -2.61 19.35
N VAL A 60 -23.03 -2.14 20.25
CA VAL A 60 -22.50 -2.98 21.37
C VAL A 60 -22.51 -2.24 22.73
N ILE A 61 -22.89 -0.97 22.78
CA ILE A 61 -23.04 -0.21 24.07
C ILE A 61 -24.26 0.69 23.97
N GLU A 62 -24.74 1.17 25.11
CA GLU A 62 -25.68 2.30 25.19
C GLU A 62 -24.91 3.57 24.86
N THR A 63 -25.42 4.36 23.91
CA THR A 63 -24.77 5.60 23.42
C THR A 63 -25.70 6.79 23.66
N ARG A 64 -25.11 7.95 23.93
CA ARG A 64 -25.85 9.23 23.86
C ARG A 64 -25.81 9.69 22.40
N HIS A 65 -26.64 10.67 22.06
CA HIS A 65 -26.53 11.42 20.80
C HIS A 65 -25.35 12.38 20.92
N VAL A 66 -24.42 12.30 19.97
CA VAL A 66 -23.32 13.29 19.80
C VAL A 66 -23.35 13.75 18.36
N VAL A 67 -23.57 15.04 18.14
CA VAL A 67 -23.47 15.63 16.77
C VAL A 67 -21.99 15.79 16.46
N ASN A 68 -21.55 15.18 15.36
CA ASN A 68 -20.15 15.26 14.89
C ASN A 68 -20.07 16.34 13.80
N TYR A 69 -19.44 17.47 14.13
CA TYR A 69 -19.18 18.61 13.19
C TYR A 69 -17.80 18.46 12.54
N LYS A 70 -17.03 17.44 12.91
CA LYS A 70 -15.62 17.29 12.47
C LYS A 70 -15.60 16.68 11.06
N THR A 71 -14.62 17.05 10.24
CA THR A 71 -14.51 16.60 8.83
C THR A 71 -13.17 15.90 8.61
N ARG A 72 -13.10 15.13 7.53
CA ARG A 72 -11.88 14.43 7.07
C ARG A 72 -11.16 15.28 6.02
N SER A 73 -11.23 16.61 6.12
CA SER A 73 -10.65 17.58 5.15
C SER A 73 -9.15 17.30 4.95
N GLU A 74 -8.42 17.03 6.03
CA GLU A 74 -6.93 17.03 5.97
C GLU A 74 -6.39 15.66 5.56
N SER A 75 -7.24 14.66 5.35
CA SER A 75 -6.85 13.30 4.89
C SER A 75 -7.36 13.00 3.48
N THR A 76 -7.94 13.97 2.77
CA THR A 76 -8.16 13.85 1.31
C THR A 76 -6.78 13.65 0.66
N LEU A 77 -6.71 13.01 -0.50
CA LEU A 77 -5.39 12.80 -1.18
C LEU A 77 -4.74 14.15 -1.46
N GLU A 78 -5.51 15.15 -1.88
CA GLU A 78 -4.94 16.50 -2.19
C GLU A 78 -4.28 17.05 -0.92
N SER A 79 -4.92 16.89 0.26
CA SER A 79 -4.40 17.40 1.55
C SER A 79 -3.17 16.60 1.98
N PHE A 80 -3.23 15.27 1.86
CA PHE A 80 -2.13 14.36 2.25
C PHE A 80 -0.87 14.66 1.43
N PHE A 81 -1.04 14.94 0.13
CA PHE A 81 0.10 15.16 -0.82
C PHE A 81 0.40 16.65 -1.01
N GLY A 82 -0.37 17.56 -0.38
CA GLY A 82 -0.31 19.01 -0.65
C GLY A 82 0.88 19.68 0.01
N ARG A 83 2.09 19.19 -0.26
CA ARG A 83 3.35 19.67 0.34
C ARG A 83 4.47 19.56 -0.69
N SER A 84 5.33 20.57 -0.75
CA SER A 84 6.61 20.53 -1.51
CA SER A 84 6.60 20.54 -1.51
C SER A 84 7.63 19.75 -0.68
N ALA A 85 8.07 18.59 -1.19
CA ALA A 85 9.01 17.68 -0.52
C ALA A 85 10.35 17.71 -1.25
N CYS A 86 11.46 17.78 -0.53
CA CYS A 86 12.80 17.66 -1.15
C CYS A 86 12.99 16.24 -1.68
N VAL A 87 13.33 16.11 -2.97
CA VAL A 87 13.53 14.79 -3.62
C VAL A 87 15.00 14.56 -3.97
N THR A 88 15.84 15.59 -4.08
CA THR A 88 17.31 15.39 -4.30
C THR A 88 18.08 16.65 -3.95
N ILE A 89 19.40 16.49 -3.83
CA ILE A 89 20.38 17.59 -3.65
C ILE A 89 21.41 17.42 -4.76
N LEU A 90 21.52 18.40 -5.65
CA LEU A 90 22.52 18.44 -6.75
C LEU A 90 23.63 19.41 -6.35
N GLU A 91 24.81 19.21 -6.92
CA GLU A 91 25.99 20.06 -6.68
C GLU A 91 26.49 20.57 -8.03
N VAL A 92 26.85 21.85 -8.09
CA VAL A 92 27.58 22.45 -9.25
CA VAL A 92 27.57 22.46 -9.25
C VAL A 92 28.58 23.45 -8.69
N GLU A 93 29.64 23.72 -9.44
CA GLU A 93 30.70 24.66 -9.04
C GLU A 93 31.02 25.58 -10.20
N ASN A 94 31.70 26.67 -9.88
CA ASN A 94 32.19 27.66 -10.86
C ASN A 94 33.63 27.99 -10.47
N PHE A 95 34.59 27.50 -11.25
CA PHE A 95 36.02 27.81 -11.08
C PHE A 95 36.76 27.46 -12.37
N ASN A 96 38.00 27.93 -12.48
CA ASN A 96 38.88 27.68 -13.64
C ASN A 96 39.29 26.20 -13.60
N ALA A 97 38.64 25.37 -14.42
CA ALA A 97 38.84 23.91 -14.47
C ALA A 97 39.91 23.59 -15.51
N THR A 98 40.97 22.88 -15.11
CA THR A 98 42.16 22.51 -15.94
C THR A 98 42.26 21.00 -16.15
N THR A 99 41.43 20.18 -15.48
CA THR A 99 41.36 18.71 -15.61
C THR A 99 39.95 18.29 -16.04
N ASP A 100 39.81 17.08 -16.60
CA ASP A 100 38.50 16.49 -17.01
CA ASP A 100 38.49 16.54 -17.02
C ASP A 100 37.57 16.45 -15.80
N ALA A 101 38.07 15.98 -14.65
CA ALA A 101 37.31 15.85 -13.39
C ALA A 101 36.76 17.23 -12.97
N ASP A 102 37.58 18.27 -13.06
CA ASP A 102 37.18 19.64 -12.64
C ASP A 102 36.23 20.25 -13.67
N ARG A 103 36.39 19.95 -14.96
CA ARG A 103 35.46 20.40 -16.03
C ARG A 103 34.06 19.82 -15.76
N LYS A 104 33.99 18.57 -15.28
CA LYS A 104 32.71 17.89 -15.00
C LYS A 104 32.04 18.47 -13.74
N LYS A 105 32.74 19.27 -12.93
CA LYS A 105 32.15 19.94 -11.74
C LYS A 105 31.43 21.24 -12.13
N GLN A 106 31.61 21.73 -13.38
CA GLN A 106 31.06 23.03 -13.84
C GLN A 106 29.57 22.89 -14.22
N PHE A 107 29.07 21.66 -14.33
CA PHE A 107 27.65 21.36 -14.60
C PHE A 107 27.33 20.01 -13.98
N THR A 108 26.06 19.67 -13.86
CA THR A 108 25.62 18.33 -13.39
CA THR A 108 25.60 18.35 -13.34
C THR A 108 24.36 17.91 -14.12
N THR A 109 24.16 16.61 -14.24
CA THR A 109 22.96 16.00 -14.84
C THR A 109 22.42 15.03 -13.81
N TRP A 110 21.10 14.94 -13.75
CA TRP A 110 20.37 14.10 -12.77
C TRP A 110 19.17 13.47 -13.47
N ALA A 111 19.09 12.13 -13.49
CA ALA A 111 17.92 11.38 -13.97
C ALA A 111 16.77 11.66 -12.98
N ILE A 112 15.69 12.25 -13.48
CA ILE A 112 14.55 12.72 -12.63
C ILE A 112 13.86 11.50 -12.01
N THR A 113 13.68 11.54 -10.70
CA THR A 113 13.14 10.42 -9.88
C THR A 113 12.74 10.98 -8.51
N TYR A 114 11.92 10.24 -7.76
CA TYR A 114 11.61 10.54 -6.34
C TYR A 114 12.34 9.55 -5.42
N THR A 115 13.21 8.67 -5.95
CA THR A 115 13.83 7.55 -5.18
C THR A 115 15.17 7.95 -4.52
N ASP A 116 15.69 9.17 -4.72
CA ASP A 116 16.93 9.60 -4.00
C ASP A 116 16.62 9.84 -2.53
N THR A 117 15.38 10.21 -2.20
CA THR A 117 14.93 10.47 -0.81
C THR A 117 13.80 9.48 -0.47
N VAL A 118 13.40 9.43 0.80
CA VAL A 118 12.50 8.37 1.32
C VAL A 118 11.11 8.92 1.65
N GLN A 119 10.96 10.20 2.02
CA GLN A 119 9.70 10.66 2.67
C GLN A 119 8.56 10.75 1.65
N LEU A 120 8.73 11.50 0.55
CA LEU A 120 7.65 11.58 -0.48
C LEU A 120 7.44 10.20 -1.09
N ARG A 121 8.52 9.49 -1.40
CA ARG A 121 8.46 8.13 -1.99
C ARG A 121 7.51 7.25 -1.16
N ARG A 122 7.69 7.22 0.16
CA ARG A 122 6.90 6.33 1.03
C ARG A 122 5.41 6.71 0.96
N LYS A 123 5.10 8.00 0.92
CA LYS A 123 3.69 8.49 0.85
C LYS A 123 3.07 8.06 -0.48
N LEU A 124 3.76 8.27 -1.60
CA LEU A 124 3.27 7.85 -2.94
C LEU A 124 3.03 6.34 -2.95
N GLU A 125 3.89 5.56 -2.27
CA GLU A 125 3.87 4.07 -2.33
C GLU A 125 2.81 3.48 -1.40
N PHE A 126 1.97 4.29 -0.75
CA PHE A 126 0.65 3.83 -0.24
C PHE A 126 -0.25 3.40 -1.41
N PHE A 127 0.10 3.79 -2.64
CA PHE A 127 -0.74 3.55 -3.85
C PHE A 127 0.08 2.85 -4.93
N THR A 128 -0.60 2.05 -5.75
CA THR A 128 -0.01 1.32 -6.89
C THR A 128 0.10 2.27 -8.09
N TYR A 129 -0.94 3.07 -8.33
CA TYR A 129 -1.05 3.96 -9.50
C TYR A 129 -1.45 5.36 -9.04
N SER A 130 -0.99 6.37 -9.78
CA SER A 130 -1.32 7.78 -9.49
C SER A 130 -1.40 8.57 -10.78
N ARG A 131 -2.09 9.71 -10.68
CA ARG A 131 -2.19 10.70 -11.75
C ARG A 131 -2.17 12.06 -11.08
N PHE A 132 -1.23 12.91 -11.45
CA PHE A 132 -1.10 14.25 -10.84
C PHE A 132 -0.29 15.14 -11.77
N ASP A 133 -0.54 16.45 -11.64
CA ASP A 133 0.37 17.51 -12.11
C ASP A 133 1.42 17.69 -11.02
N LEU A 134 2.55 18.29 -11.35
CA LEU A 134 3.70 18.42 -10.44
C LEU A 134 4.07 19.91 -10.35
N GLU A 135 4.14 20.44 -9.14
CA GLU A 135 4.80 21.72 -8.88
C GLU A 135 6.25 21.42 -8.49
N MET A 136 7.19 21.96 -9.27
CA MET A 136 8.63 21.84 -8.94
CA MET A 136 8.66 21.86 -9.03
C MET A 136 9.13 23.19 -8.43
N THR A 137 9.82 23.16 -7.29
CA THR A 137 10.45 24.34 -6.66
C THR A 137 11.91 23.99 -6.40
N PHE A 138 12.79 24.98 -6.44
CA PHE A 138 14.25 24.77 -6.24
C PHE A 138 14.75 25.76 -5.20
N VAL A 139 15.63 25.28 -4.33
CA VAL A 139 16.37 26.13 -3.35
C VAL A 139 17.86 26.01 -3.70
N ILE A 140 18.47 27.16 -4.01
CA ILE A 140 19.87 27.27 -4.51
CA ILE A 140 19.88 27.22 -4.48
C ILE A 140 20.69 28.02 -3.46
N THR A 141 21.78 27.40 -2.97
CA THR A 141 22.68 27.94 -1.94
C THR A 141 24.12 27.86 -2.44
N GLU A 142 24.96 28.78 -1.97
CA GLU A 142 26.39 28.86 -2.33
C GLU A 142 27.24 29.00 -1.07
N ARG A 143 28.51 28.63 -1.17
CA ARG A 143 29.55 29.04 -0.22
C ARG A 143 30.85 29.28 -0.98
N TYR A 144 31.71 30.13 -0.44
CA TYR A 144 33.12 30.28 -0.89
C TYR A 144 33.87 29.00 -0.54
N TYR A 145 34.61 28.45 -1.49
CA TYR A 145 35.54 27.32 -1.28
C TYR A 145 36.73 27.76 -0.40
N ALA A 146 37.23 29.00 -0.57
CA ALA A 146 38.45 29.52 0.10
C ALA A 146 38.36 31.04 0.29
N SER A 147 39.25 31.64 1.10
CA SER A 147 39.18 33.09 1.48
C SER A 147 40.30 33.91 0.83
N ASN A 148 41.30 33.28 0.20
CA ASN A 148 42.56 33.94 -0.23
C ASN A 148 42.55 34.20 -1.75
N THR A 149 41.39 34.11 -2.41
CA THR A 149 41.23 34.10 -3.89
C THR A 149 40.20 35.16 -4.31
N GLY A 150 40.05 36.24 -3.55
CA GLY A 150 39.17 37.38 -3.87
C GLY A 150 37.72 36.97 -3.81
N HIS A 151 36.87 37.62 -4.62
CA HIS A 151 35.39 37.48 -4.56
C HIS A 151 34.83 36.99 -5.89
N ALA A 152 33.51 36.88 -5.95
CA ALA A 152 32.78 36.30 -7.09
C ALA A 152 31.53 37.16 -7.32
N ARG A 153 31.27 37.53 -8.56
CA ARG A 153 30.06 38.31 -8.92
C ARG A 153 28.85 37.38 -8.78
N ASN A 154 27.68 37.98 -8.60
CA ASN A 154 26.41 37.23 -8.38
C ASN A 154 26.19 36.28 -9.56
N GLN A 155 25.82 35.05 -9.26
CA GLN A 155 25.76 33.96 -10.28
C GLN A 155 24.32 33.76 -10.77
N VAL A 156 24.21 33.48 -12.06
CA VAL A 156 22.96 33.03 -12.73
C VAL A 156 23.11 31.52 -12.98
N TYR A 157 22.05 30.78 -12.68
CA TYR A 157 21.95 29.31 -12.86
C TYR A 157 21.02 29.05 -14.03
N GLN A 158 21.34 28.04 -14.84
CA GLN A 158 20.42 27.46 -15.83
C GLN A 158 20.07 26.05 -15.38
N LEU A 159 18.78 25.78 -15.21
CA LEU A 159 18.23 24.43 -14.97
C LEU A 159 17.46 24.05 -16.24
N MET A 160 17.97 23.08 -16.99
CA MET A 160 17.41 22.66 -18.29
C MET A 160 16.82 21.26 -18.14
N TYR A 161 15.53 21.13 -18.48
CA TYR A 161 14.85 19.81 -18.57
CA TYR A 161 14.83 19.82 -18.57
C TYR A 161 15.17 19.21 -19.94
N ILE A 162 15.89 18.08 -19.93
CA ILE A 162 16.27 17.31 -21.15
C ILE A 162 15.35 16.10 -21.23
N PRO A 163 14.27 16.14 -22.04
CA PRO A 163 13.40 14.98 -22.20
C PRO A 163 14.19 13.85 -22.84
N PRO A 164 13.79 12.57 -22.63
CA PRO A 164 14.48 11.43 -23.24
C PRO A 164 14.69 11.62 -24.75
N GLY A 165 15.94 11.48 -25.20
CA GLY A 165 16.32 11.61 -26.62
C GLY A 165 17.07 12.90 -26.91
N ALA A 166 16.79 13.98 -26.17
CA ALA A 166 17.45 15.28 -26.40
C ALA A 166 18.91 15.15 -25.98
N PRO A 167 19.83 15.86 -26.68
CA PRO A 167 21.27 15.71 -26.40
C PRO A 167 21.65 16.21 -25.01
N ARG A 168 22.47 15.43 -24.31
CA ARG A 168 22.94 15.77 -22.94
C ARG A 168 24.25 16.54 -23.05
N PRO A 169 24.46 17.58 -22.21
CA PRO A 169 25.71 18.34 -22.23
C PRO A 169 26.91 17.47 -21.83
N THR A 170 28.06 17.70 -22.47
CA THR A 170 29.37 17.12 -22.06
C THR A 170 30.28 18.22 -21.50
N ALA A 171 29.91 19.49 -21.62
CA ALA A 171 30.61 20.63 -21.02
C ALA A 171 29.59 21.68 -20.59
N TRP A 172 29.94 22.53 -19.63
CA TRP A 172 29.04 23.57 -19.07
C TRP A 172 28.70 24.62 -20.12
N ASP A 173 29.49 24.75 -21.20
CA ASP A 173 29.33 25.82 -22.22
C ASP A 173 29.19 25.22 -23.63
N ASP A 174 28.73 23.97 -23.75
CA ASP A 174 28.51 23.36 -25.10
C ASP A 174 27.17 23.88 -25.67
N TYR A 175 26.86 23.47 -26.90
CA TYR A 175 25.72 23.99 -27.70
C TYR A 175 24.37 23.63 -27.06
N THR A 176 24.28 22.58 -26.24
CA THR A 176 22.98 22.05 -25.74
C THR A 176 22.26 23.11 -24.90
N TRP A 177 23.01 24.00 -24.23
CA TRP A 177 22.44 24.99 -23.29
C TRP A 177 21.67 26.09 -24.02
N GLN A 178 21.80 26.21 -25.35
CA GLN A 178 21.02 27.21 -26.11
C GLN A 178 19.52 26.87 -25.99
N SER A 179 19.18 25.61 -25.71
CA SER A 179 17.86 25.16 -25.20
C SER A 179 16.72 25.75 -26.05
N SER A 180 16.76 25.58 -27.37
CA SER A 180 15.73 26.14 -28.29
C SER A 180 14.36 25.52 -28.00
N SER A 181 14.31 24.28 -27.51
CA SER A 181 13.07 23.47 -27.46
C SER A 181 12.85 22.89 -26.06
N ASN A 182 13.90 22.33 -25.45
CA ASN A 182 13.92 21.97 -24.01
C ASN A 182 13.49 23.19 -23.20
N PRO A 183 12.67 23.03 -22.15
CA PRO A 183 12.42 24.12 -21.22
C PRO A 183 13.65 24.31 -20.33
N SER A 184 14.08 25.56 -20.16
CA SER A 184 15.12 25.97 -19.19
C SER A 184 14.54 27.05 -18.28
N VAL A 185 15.02 27.10 -17.04
CA VAL A 185 14.79 28.27 -16.17
C VAL A 185 16.15 28.86 -15.82
N PHE A 186 16.27 30.18 -16.00
CA PHE A 186 17.43 31.00 -15.58
C PHE A 186 17.06 31.63 -14.25
N TYR A 187 17.86 31.29 -13.23
CA TYR A 187 17.65 31.70 -11.83
C TYR A 187 18.82 32.58 -11.42
N THR A 188 18.51 33.76 -10.85
CA THR A 188 19.52 34.74 -10.35
C THR A 188 19.67 34.54 -8.84
N TYR A 189 20.89 34.23 -8.39
CA TYR A 189 21.18 33.94 -6.96
C TYR A 189 20.62 35.07 -6.09
N GLY A 190 19.92 34.68 -5.00
CA GLY A 190 19.31 35.62 -4.04
C GLY A 190 17.86 35.93 -4.37
N SER A 191 17.39 35.62 -5.58
CA SER A 191 15.97 35.82 -5.99
C SER A 191 15.11 34.72 -5.35
N ALA A 192 13.79 34.89 -5.40
CA ALA A 192 12.81 33.92 -4.88
C ALA A 192 13.12 32.55 -5.47
N PRO A 193 13.02 31.46 -4.67
CA PRO A 193 13.10 30.11 -5.20
C PRO A 193 12.30 29.97 -6.49
N PRO A 194 12.92 29.48 -7.60
CA PRO A 194 12.21 29.34 -8.86
C PRO A 194 11.22 28.17 -8.79
N ARG A 195 10.19 28.24 -9.63
CA ARG A 195 9.04 27.32 -9.55
C ARG A 195 8.33 27.23 -10.90
N MET A 196 7.95 26.02 -11.29
CA MET A 196 7.10 25.81 -12.47
C MET A 196 6.29 24.54 -12.30
N SER A 197 5.18 24.46 -13.04
CA SER A 197 4.25 23.31 -13.05
C SER A 197 4.61 22.40 -14.23
N ILE A 198 4.48 21.10 -14.02
CA ILE A 198 4.62 20.04 -15.05
C ILE A 198 3.27 19.34 -15.12
N PRO A 199 2.68 19.13 -16.32
CA PRO A 199 1.46 18.34 -16.43
C PRO A 199 1.70 16.89 -16.02
N TYR A 200 0.63 16.13 -15.88
CA TYR A 200 0.67 14.66 -15.93
C TYR A 200 1.26 14.26 -17.29
N VAL A 201 2.51 13.75 -17.32
CA VAL A 201 3.27 13.51 -18.58
C VAL A 201 3.39 12.00 -18.86
N GLY A 202 2.75 11.13 -18.08
CA GLY A 202 2.86 9.67 -18.25
C GLY A 202 2.40 9.23 -19.63
N ILE A 203 3.10 8.24 -20.20
CA ILE A 203 2.72 7.61 -21.51
C ILE A 203 1.64 6.55 -21.31
N ALA A 204 1.34 6.17 -20.07
CA ALA A 204 0.17 5.34 -19.70
C ALA A 204 -0.93 6.26 -19.17
N ASN A 205 -2.07 5.69 -18.79
CA ASN A 205 -3.26 6.47 -18.34
C ASN A 205 -3.08 6.87 -16.88
N ALA A 206 -2.08 6.30 -16.20
CA ALA A 206 -1.63 6.69 -14.85
C ALA A 206 -0.13 6.39 -14.75
N TYR A 207 0.54 7.01 -13.78
CA TYR A 207 1.89 6.60 -13.34
C TYR A 207 1.76 5.27 -12.61
N SER A 208 2.71 4.36 -12.81
CA SER A 208 2.87 3.12 -12.04
C SER A 208 3.95 3.35 -10.97
N HIS A 209 3.62 3.15 -9.70
CA HIS A 209 4.59 3.19 -8.58
C HIS A 209 5.28 1.82 -8.46
N PHE A 210 4.65 0.78 -9.01
CA PHE A 210 5.11 -0.62 -8.99
C PHE A 210 4.79 -1.23 -10.35
N TYR A 211 5.74 -1.98 -10.92
CA TYR A 211 5.59 -2.66 -12.23
C TYR A 211 6.16 -4.06 -12.09
N ASP A 212 5.29 -5.06 -12.00
CA ASP A 212 5.71 -6.47 -11.82
C ASP A 212 6.04 -7.06 -13.20
N GLY A 213 7.18 -6.66 -13.77
CA GLY A 213 7.51 -7.12 -15.11
C GLY A 213 8.84 -6.60 -15.63
N PHE A 214 9.01 -6.75 -16.93
CA PHE A 214 10.28 -6.52 -17.67
C PHE A 214 9.98 -5.61 -18.86
N ALA A 215 11.04 -5.06 -19.45
CA ALA A 215 10.95 -4.14 -20.62
C ALA A 215 10.84 -4.95 -21.91
N ARG A 216 11.33 -6.19 -21.92
CA ARG A 216 11.25 -7.07 -23.13
C ARG A 216 11.13 -8.53 -22.70
N VAL A 217 10.59 -9.34 -23.61
CA VAL A 217 10.48 -10.80 -23.44
C VAL A 217 11.77 -11.42 -23.94
N PRO A 218 12.57 -12.10 -23.09
CA PRO A 218 13.71 -12.86 -23.55
C PRO A 218 13.17 -14.15 -24.20
N LEU A 219 13.65 -14.47 -25.40
CA LEU A 219 13.10 -15.56 -26.24
C LEU A 219 14.04 -16.77 -26.25
N LYS A 220 13.47 -17.94 -26.53
CA LYS A 220 14.17 -19.26 -26.56
C LYS A 220 15.41 -19.14 -27.44
N ASP A 221 16.57 -19.54 -26.91
CA ASP A 221 17.85 -19.75 -27.65
C ASP A 221 18.41 -18.43 -28.21
N GLU A 222 17.94 -17.26 -27.76
CA GLU A 222 18.51 -15.96 -28.23
C GLU A 222 19.90 -15.79 -27.57
N THR A 223 20.80 -15.05 -28.21
CA THR A 223 22.21 -14.82 -27.76
C THR A 223 22.29 -13.64 -26.79
N VAL A 224 21.21 -12.85 -26.64
CA VAL A 224 21.13 -11.68 -25.73
C VAL A 224 21.40 -12.16 -24.28
N ASP A 225 22.21 -11.41 -23.53
CA ASP A 225 22.56 -11.69 -22.11
C ASP A 225 21.30 -11.69 -21.23
N SER A 226 21.13 -12.74 -20.40
CA SER A 226 20.04 -12.87 -19.40
C SER A 226 20.61 -12.84 -17.96
N GLY A 227 21.92 -12.69 -17.81
CA GLY A 227 22.65 -12.77 -16.53
C GLY A 227 22.74 -11.43 -15.80
N ASP A 228 22.65 -10.30 -16.52
CA ASP A 228 22.86 -8.94 -15.95
C ASP A 228 21.65 -8.03 -16.26
N THR A 229 20.47 -8.62 -16.52
CA THR A 229 19.21 -7.87 -16.77
C THR A 229 18.52 -7.58 -15.43
N TYR A 230 17.73 -6.52 -15.41
CA TYR A 230 17.03 -6.00 -14.21
C TYR A 230 15.55 -6.33 -14.31
N TYR A 231 14.80 -5.94 -13.28
CA TYR A 231 13.38 -6.29 -13.07
C TYR A 231 12.64 -5.07 -12.54
N GLY A 232 11.40 -4.88 -13.00
CA GLY A 232 10.48 -3.91 -12.41
C GLY A 232 10.60 -2.53 -13.06
N LEU A 233 10.09 -1.54 -12.34
CA LEU A 233 9.84 -0.17 -12.86
C LEU A 233 11.15 0.44 -13.40
N VAL A 234 12.29 0.11 -12.81
CA VAL A 234 13.63 0.64 -13.25
C VAL A 234 13.90 0.25 -14.71
N THR A 235 13.35 -0.85 -15.21
CA THR A 235 13.60 -1.32 -16.61
C THR A 235 12.79 -0.49 -17.61
N ILE A 236 11.74 0.24 -17.19
CA ILE A 236 10.78 0.90 -18.13
C ILE A 236 10.67 2.41 -17.88
N ASN A 237 11.05 2.92 -16.70
CA ASN A 237 10.80 4.34 -16.32
C ASN A 237 11.89 5.22 -16.93
N ASP A 238 11.49 6.37 -17.48
CA ASP A 238 12.43 7.41 -17.95
C ASP A 238 11.67 8.73 -18.04
N PHE A 239 11.91 9.65 -17.10
CA PHE A 239 11.30 11.00 -17.08
C PHE A 239 12.31 12.04 -17.57
N GLY A 240 13.43 11.59 -18.14
CA GLY A 240 14.48 12.48 -18.68
C GLY A 240 15.40 12.97 -17.57
N THR A 241 16.08 14.08 -17.86
CA THR A 241 17.28 14.54 -17.13
C THR A 241 17.11 16.01 -16.78
N LEU A 242 17.49 16.41 -15.57
CA LEU A 242 17.72 17.82 -15.23
C LEU A 242 19.21 18.10 -15.35
N ALA A 243 19.57 19.10 -16.16
CA ALA A 243 20.96 19.59 -16.33
C ALA A 243 21.05 20.97 -15.69
N VAL A 244 22.05 21.18 -14.85
CA VAL A 244 22.25 22.48 -14.13
C VAL A 244 23.67 22.97 -14.40
N ARG A 245 23.81 24.27 -14.66
CA ARG A 245 25.12 24.95 -14.74
C ARG A 245 25.03 26.31 -14.06
N VAL A 246 26.18 26.84 -13.66
CA VAL A 246 26.37 28.30 -13.46
C VAL A 246 26.68 28.87 -14.84
N VAL A 247 25.91 29.86 -15.27
CA VAL A 247 26.05 30.48 -16.62
C VAL A 247 27.31 31.34 -16.64
N ASN A 248 27.68 31.93 -15.50
CA ASN A 248 28.85 32.84 -15.39
C ASN A 248 30.13 32.05 -15.68
N GLU A 249 31.11 32.72 -16.30
CA GLU A 249 32.52 32.24 -16.37
CA GLU A 249 32.51 32.22 -16.37
C GLU A 249 33.13 32.31 -14.97
N TYR A 250 34.30 31.70 -14.80
CA TYR A 250 34.96 31.57 -13.47
C TYR A 250 35.44 32.93 -12.96
N ASN A 251 35.31 33.10 -11.64
CA ASN A 251 35.98 34.15 -10.84
C ASN A 251 37.27 33.56 -10.30
N PRO A 252 38.19 34.40 -9.76
CA PRO A 252 39.34 33.87 -9.02
C PRO A 252 38.90 33.01 -7.83
N ALA A 253 37.80 33.40 -7.17
CA ALA A 253 37.20 32.67 -6.02
C ALA A 253 36.30 31.55 -6.56
N ARG A 254 36.65 30.31 -6.21
CA ARG A 254 35.82 29.11 -6.49
C ARG A 254 34.54 29.19 -5.63
N ILE A 255 33.38 29.06 -6.28
CA ILE A 255 32.05 28.99 -5.61
C ILE A 255 31.49 27.59 -5.80
N THR A 256 31.04 26.98 -4.70
CA THR A 256 30.35 25.66 -4.73
CA THR A 256 30.36 25.66 -4.69
C THR A 256 28.88 25.91 -4.38
N SER A 257 27.99 25.25 -5.11
CA SER A 257 26.52 25.45 -5.01
C SER A 257 25.83 24.12 -4.74
N LYS A 258 24.72 24.19 -3.99
CA LYS A 258 23.76 23.07 -3.88
C LYS A 258 22.43 23.53 -4.48
N ILE A 259 21.79 22.63 -5.24
CA ILE A 259 20.42 22.84 -5.78
C ILE A 259 19.56 21.74 -5.17
N ARG A 260 18.66 22.14 -4.29
CA ARG A 260 17.65 21.24 -3.68
C ARG A 260 16.41 21.29 -4.58
N VAL A 261 15.93 20.11 -4.98
CA VAL A 261 14.79 19.93 -5.91
C VAL A 261 13.59 19.52 -5.06
N TYR A 262 12.47 20.23 -5.20
CA TYR A 262 11.21 19.99 -4.43
C TYR A 262 10.12 19.58 -5.42
N MET A 263 9.31 18.59 -5.03
CA MET A 263 8.14 18.13 -5.80
C MET A 263 6.90 18.23 -4.92
N LYS A 264 5.82 18.79 -5.46
CA LYS A 264 4.46 18.70 -4.86
C LYS A 264 3.52 18.12 -5.92
N PRO A 265 2.99 16.91 -5.70
CA PRO A 265 1.90 16.40 -6.53
C PRO A 265 0.66 17.25 -6.27
N LYS A 266 0.01 17.73 -7.34
CA LYS A 266 -1.29 18.44 -7.20
C LYS A 266 -2.27 17.92 -8.24
N HIS A 267 -3.56 18.12 -7.98
CA HIS A 267 -4.66 17.59 -8.82
C HIS A 267 -4.56 16.06 -8.82
N VAL A 268 -4.50 15.48 -7.62
CA VAL A 268 -4.04 14.09 -7.38
C VAL A 268 -5.22 13.11 -7.46
N ARG A 269 -5.02 12.01 -8.18
CA ARG A 269 -5.83 10.77 -8.09
C ARG A 269 -4.87 9.61 -7.82
N CYS A 270 -5.30 8.64 -7.02
CA CYS A 270 -4.53 7.41 -6.71
C CYS A 270 -5.46 6.21 -6.68
N TRP A 271 -4.90 5.04 -7.00
CA TRP A 271 -5.63 3.75 -7.09
C TRP A 271 -4.84 2.64 -6.40
N CYS A 272 -5.56 1.69 -5.81
CA CYS A 272 -5.07 0.36 -5.37
C CYS A 272 -4.10 0.56 -4.20
N PRO A 273 -4.65 0.71 -2.98
CA PRO A 273 -3.82 0.98 -1.81
C PRO A 273 -2.93 -0.22 -1.45
N ARG A 274 -1.82 0.08 -0.81
CA ARG A 274 -0.76 -0.89 -0.45
C ARG A 274 -0.37 -0.68 1.00
N PRO A 275 0.11 -1.73 1.70
CA PRO A 275 0.79 -1.55 2.97
C PRO A 275 1.96 -0.60 2.76
N PRO A 276 2.23 0.33 3.71
CA PRO A 276 3.39 1.22 3.57
C PRO A 276 4.71 0.50 3.84
N ARG A 277 5.78 1.07 3.31
CA ARG A 277 7.17 0.60 3.52
C ARG A 277 7.45 0.47 5.02
N ALA A 278 7.81 -0.72 5.49
CA ALA A 278 7.98 -1.02 6.93
C ALA A 278 9.46 -1.03 7.33
N VAL A 279 10.38 -1.19 6.36
CA VAL A 279 11.83 -1.34 6.61
C VAL A 279 12.58 -0.42 5.66
N PRO A 280 13.83 -0.03 5.97
CA PRO A 280 14.59 0.85 5.09
C PRO A 280 14.65 0.38 3.63
N TYR A 281 14.60 1.34 2.70
CA TYR A 281 14.89 1.13 1.27
C TYR A 281 16.40 0.89 1.12
N ARG A 282 16.85 0.23 0.04
CA ARG A 282 18.31 0.16 -0.26
C ARG A 282 18.60 0.46 -1.74
N GLY A 283 17.67 1.13 -2.41
CA GLY A 283 17.76 1.47 -3.85
C GLY A 283 16.37 1.76 -4.41
N GLU A 284 16.27 1.77 -5.73
CA GLU A 284 15.07 2.23 -6.48
C GLU A 284 13.97 1.15 -6.47
N GLY A 285 14.30 -0.08 -6.09
CA GLY A 285 13.36 -1.22 -6.08
C GLY A 285 12.77 -1.45 -4.70
N VAL A 286 12.14 -2.61 -4.50
CA VAL A 286 11.46 -2.99 -3.23
C VAL A 286 12.43 -3.80 -2.35
N ASP A 287 13.68 -3.93 -2.76
CA ASP A 287 14.69 -4.78 -2.07
C ASP A 287 14.87 -4.28 -0.64
N PHE A 288 15.24 -5.18 0.27
CA PHE A 288 15.50 -4.83 1.69
C PHE A 288 16.91 -5.27 2.05
N LYS A 289 17.38 -4.79 3.20
CA LYS A 289 18.78 -4.95 3.66
C LYS A 289 18.80 -5.88 4.88
N GLN A 290 19.67 -6.90 4.85
CA GLN A 290 19.69 -8.00 5.85
C GLN A 290 19.83 -7.44 7.27
N ASP A 291 20.58 -6.36 7.48
CA ASP A 291 20.81 -5.82 8.85
C ASP A 291 19.65 -4.90 9.28
N SER A 292 18.61 -4.72 8.46
CA SER A 292 17.53 -3.72 8.69
C SER A 292 16.17 -4.31 8.32
N ILE A 293 15.81 -5.47 8.87
CA ILE A 293 14.49 -6.12 8.58
C ILE A 293 13.79 -6.50 9.89
N THR A 294 14.07 -5.79 10.98
CA THR A 294 13.46 -6.03 12.32
C THR A 294 12.85 -4.73 12.84
N PRO A 295 11.77 -4.23 12.19
CA PRO A 295 11.17 -2.95 12.59
C PRO A 295 10.54 -2.96 13.99
N LEU A 296 9.93 -4.06 14.41
CA LEU A 296 9.26 -4.13 15.74
C LEU A 296 10.29 -4.23 16.85
N THR A 297 10.06 -3.51 17.94
CA THR A 297 10.74 -3.69 19.24
C THR A 297 9.91 -4.72 20.00
N ALA A 298 10.53 -5.83 20.41
CA ALA A 298 9.85 -6.91 21.19
C ALA A 298 9.27 -6.29 22.47
N VAL A 299 8.04 -6.65 22.82
CA VAL A 299 7.41 -6.29 24.12
C VAL A 299 7.88 -7.31 25.16
N GLU A 300 7.91 -6.90 26.43
CA GLU A 300 8.33 -7.72 27.60
C GLU A 300 7.43 -8.97 27.68
N ASN A 301 6.14 -8.79 27.42
CA ASN A 301 5.08 -9.81 27.62
CA ASN A 301 5.18 -9.92 27.38
C ASN A 301 3.88 -9.45 26.73
N ILE A 302 3.04 -10.42 26.38
CA ILE A 302 1.78 -10.15 25.61
C ILE A 302 0.84 -9.28 26.46
N ASN A 303 1.05 -9.24 27.79
CA ASN A 303 0.26 -8.44 28.76
C ASN A 303 1.01 -7.18 29.22
N THR A 304 1.53 -6.37 28.30
CA THR A 304 2.25 -5.12 28.62
C THR A 304 1.43 -3.91 28.19
N PHE A 305 0.88 -3.19 29.16
CA PHE A 305 0.22 -1.88 28.93
C PHE A 305 1.27 -0.81 28.66
N GLY B 8 -33.25 -21.69 2.11
CA GLY B 8 -32.41 -22.76 1.48
C GLY B 8 -31.07 -22.22 1.02
N TYR B 9 -31.07 -21.09 0.31
CA TYR B 9 -29.86 -20.45 -0.27
C TYR B 9 -28.96 -20.00 0.88
N SER B 10 -27.64 -20.19 0.73
CA SER B 10 -26.65 -20.06 1.82
C SER B 10 -25.39 -19.36 1.30
N ASP B 11 -24.78 -18.54 2.16
CA ASP B 11 -23.45 -17.91 1.93
C ASP B 11 -22.35 -18.98 1.83
N ARG B 12 -22.64 -20.20 2.27
CA ARG B 12 -21.66 -21.32 2.34
C ARG B 12 -21.70 -22.17 1.07
N VAL B 13 -22.77 -22.12 0.29
CA VAL B 13 -22.97 -23.08 -0.84
C VAL B 13 -23.02 -22.28 -2.15
N ARG B 14 -22.13 -22.59 -3.10
CA ARG B 14 -21.93 -21.79 -4.33
C ARG B 14 -21.62 -22.72 -5.50
N GLN B 15 -22.11 -22.35 -6.68
CA GLN B 15 -21.73 -22.96 -7.96
C GLN B 15 -21.18 -21.85 -8.86
N ILE B 16 -20.05 -22.12 -9.50
CA ILE B 16 -19.47 -21.20 -10.52
C ILE B 16 -19.28 -22.02 -11.80
N THR B 17 -19.91 -21.59 -12.89
CA THR B 17 -19.74 -22.18 -14.24
C THR B 17 -19.09 -21.14 -15.14
N LEU B 18 -17.97 -21.50 -15.76
CA LEU B 18 -17.34 -20.73 -16.86
C LEU B 18 -16.95 -21.72 -17.96
N GLY B 19 -17.43 -21.49 -19.17
CA GLY B 19 -17.21 -22.39 -20.32
C GLY B 19 -17.73 -23.78 -20.01
N ASN B 20 -16.88 -24.79 -20.17
CA ASN B 20 -17.24 -26.22 -19.96
C ASN B 20 -16.92 -26.67 -18.53
N SER B 21 -16.66 -25.75 -17.60
CA SER B 21 -16.11 -26.06 -16.26
C SER B 21 -17.03 -25.51 -15.17
N THR B 22 -17.28 -26.31 -14.13
CA THR B 22 -18.09 -25.93 -12.96
C THR B 22 -17.34 -26.26 -11.68
N ILE B 23 -17.40 -25.34 -10.71
CA ILE B 23 -16.93 -25.54 -9.32
C ILE B 23 -18.16 -25.55 -8.41
N THR B 24 -18.18 -26.47 -7.45
CA THR B 24 -19.11 -26.43 -6.30
C THR B 24 -18.28 -26.26 -5.03
N THR B 25 -18.87 -25.58 -4.03
CA THR B 25 -18.36 -25.56 -2.64
C THR B 25 -19.59 -25.58 -1.72
N GLN B 26 -19.49 -26.31 -0.62
CA GLN B 26 -20.55 -26.37 0.42
C GLN B 26 -20.08 -25.69 1.70
N GLU B 27 -18.83 -25.20 1.77
CA GLU B 27 -18.32 -24.47 2.95
C GLU B 27 -17.52 -23.26 2.48
N ALA B 28 -18.18 -22.37 1.73
CA ALA B 28 -17.65 -21.06 1.30
C ALA B 28 -17.87 -20.03 2.41
N ALA B 29 -17.34 -18.83 2.21
CA ALA B 29 -17.61 -17.64 3.05
C ALA B 29 -17.86 -16.47 2.12
N ASN B 30 -19.04 -16.44 1.47
CA ASN B 30 -19.37 -15.38 0.49
C ASN B 30 -18.32 -15.48 -0.64
N ALA B 31 -18.10 -14.41 -1.37
CA ALA B 31 -17.08 -14.32 -2.43
C ALA B 31 -16.65 -12.85 -2.50
N VAL B 32 -15.39 -12.62 -2.81
CA VAL B 32 -14.87 -11.24 -2.97
C VAL B 32 -14.91 -10.87 -4.46
N VAL B 33 -15.38 -9.65 -4.73
CA VAL B 33 -15.22 -8.96 -6.04
C VAL B 33 -14.24 -7.82 -5.78
N ALA B 34 -12.99 -7.98 -6.23
CA ALA B 34 -11.88 -7.06 -5.92
C ALA B 34 -12.29 -5.63 -6.27
N TYR B 35 -12.17 -4.73 -5.31
CA TYR B 35 -12.47 -3.27 -5.44
C TYR B 35 -13.93 -3.06 -5.87
N GLY B 36 -14.80 -4.06 -5.63
CA GLY B 36 -16.23 -4.04 -5.96
C GLY B 36 -16.51 -4.02 -7.46
N GLU B 37 -15.55 -4.40 -8.31
CA GLU B 37 -15.70 -4.27 -9.78
C GLU B 37 -15.58 -5.63 -10.46
N TRP B 38 -16.67 -6.07 -11.10
CA TRP B 38 -16.69 -7.27 -11.96
C TRP B 38 -15.84 -6.99 -13.20
N PRO B 39 -15.09 -7.98 -13.72
CA PRO B 39 -14.38 -7.78 -14.99
C PRO B 39 -15.36 -7.47 -16.14
N SER B 40 -14.82 -6.87 -17.20
CA SER B 40 -15.60 -6.47 -18.40
C SER B 40 -14.67 -6.36 -19.60
N TYR B 41 -15.24 -6.34 -20.79
CA TYR B 41 -14.50 -6.07 -22.04
C TYR B 41 -14.10 -4.59 -22.08
N LEU B 42 -13.14 -4.27 -22.93
CA LEU B 42 -12.58 -2.90 -23.09
C LEU B 42 -13.51 -2.08 -23.98
N ASP B 43 -14.06 -0.99 -23.43
CA ASP B 43 -14.99 -0.06 -24.13
C ASP B 43 -14.23 0.71 -25.23
N ASP B 44 -14.92 1.06 -26.30
CA ASP B 44 -14.38 1.86 -27.43
C ASP B 44 -13.81 3.19 -26.93
N LYS B 45 -14.39 3.78 -25.88
CA LYS B 45 -13.98 5.10 -25.33
C LYS B 45 -12.74 4.98 -24.43
N GLU B 46 -12.25 3.77 -24.16
CA GLU B 46 -11.02 3.53 -23.38
C GLU B 46 -10.01 2.70 -24.18
N ALA B 47 -10.28 2.42 -25.45
CA ALA B 47 -9.49 1.47 -26.27
C ALA B 47 -8.17 2.14 -26.68
N ASN B 48 -7.19 1.32 -27.07
CA ASN B 48 -5.85 1.80 -27.45
C ASN B 48 -5.44 1.14 -28.77
N PRO B 49 -4.98 -0.14 -28.82
CA PRO B 49 -4.67 -0.76 -30.10
C PRO B 49 -5.94 -0.83 -30.97
N ILE B 50 -5.80 -0.58 -32.27
CA ILE B 50 -6.95 -0.33 -33.18
C ILE B 50 -7.32 -1.57 -33.98
N ASP B 51 -6.50 -2.63 -33.98
CA ASP B 51 -6.84 -3.90 -34.69
C ASP B 51 -8.06 -4.51 -33.99
N ALA B 52 -8.94 -5.17 -34.76
CA ALA B 52 -10.07 -5.94 -34.21
C ALA B 52 -9.50 -6.98 -33.26
N PRO B 53 -9.85 -6.96 -31.96
CA PRO B 53 -9.28 -7.92 -31.02
C PRO B 53 -9.86 -9.33 -31.19
N THR B 54 -9.08 -10.32 -30.75
CA THR B 54 -9.53 -11.70 -30.51
C THR B 54 -10.16 -11.75 -29.12
N GLU B 55 -11.37 -12.29 -29.03
CA GLU B 55 -12.10 -12.54 -27.76
C GLU B 55 -12.41 -14.03 -27.72
N PRO B 56 -11.50 -14.86 -27.19
CA PRO B 56 -11.62 -16.31 -27.33
C PRO B 56 -12.79 -16.93 -26.55
N ASP B 57 -13.34 -16.22 -25.57
CA ASP B 57 -14.59 -16.60 -24.87
C ASP B 57 -14.37 -18.00 -24.26
N VAL B 58 -15.24 -18.97 -24.53
CA VAL B 58 -15.30 -20.25 -23.76
C VAL B 58 -14.03 -21.09 -23.96
N SER B 59 -13.28 -20.94 -25.05
CA SER B 59 -12.04 -21.72 -25.29
C SER B 59 -11.03 -21.48 -24.16
N SER B 60 -11.01 -20.25 -23.63
CA SER B 60 -9.95 -19.73 -22.72
C SER B 60 -10.51 -19.27 -21.37
N ASN B 61 -11.80 -18.94 -21.31
CA ASN B 61 -12.44 -18.30 -20.12
C ASN B 61 -13.14 -19.41 -19.34
N ARG B 62 -12.35 -20.18 -18.61
CA ARG B 62 -12.75 -21.49 -18.04
C ARG B 62 -11.76 -21.82 -16.92
N PHE B 63 -12.15 -22.72 -16.02
CA PHE B 63 -11.32 -23.07 -14.84
C PHE B 63 -10.17 -23.99 -15.25
N TYR B 64 -8.95 -23.54 -14.95
CA TYR B 64 -7.72 -24.33 -15.06
C TYR B 64 -7.22 -24.64 -13.65
N THR B 65 -7.01 -25.92 -13.32
CA THR B 65 -6.53 -26.37 -12.01
C THR B 65 -5.01 -26.57 -12.09
N LEU B 66 -4.28 -25.83 -11.25
CA LEU B 66 -2.81 -25.90 -11.13
C LEU B 66 -2.45 -27.18 -10.38
N ASP B 67 -1.18 -27.61 -10.44
CA ASP B 67 -0.63 -28.64 -9.53
C ASP B 67 -0.92 -28.22 -8.09
N SER B 68 -1.35 -29.18 -7.27
CA SER B 68 -1.65 -28.95 -5.83
C SER B 68 -0.34 -28.76 -5.06
N VAL B 69 -0.39 -28.03 -3.96
CA VAL B 69 0.74 -27.91 -2.99
C VAL B 69 0.29 -28.52 -1.66
N GLN B 70 1.25 -28.87 -0.80
CA GLN B 70 0.98 -29.53 0.49
C GLN B 70 1.18 -28.51 1.61
N TRP B 71 0.13 -28.28 2.39
CA TRP B 71 0.17 -27.48 3.64
C TRP B 71 0.68 -28.38 4.76
N LYS B 72 1.83 -28.02 5.33
CA LYS B 72 2.46 -28.69 6.50
C LYS B 72 2.52 -27.69 7.65
N SER B 73 2.71 -28.18 8.88
CA SER B 73 2.92 -27.35 10.09
C SER B 73 4.10 -26.38 9.90
N THR B 74 5.05 -26.71 9.02
CA THR B 74 6.29 -25.92 8.75
C THR B 74 6.18 -25.03 7.49
N SER B 75 5.10 -25.11 6.71
CA SER B 75 4.91 -24.29 5.46
C SER B 75 4.93 -22.80 5.83
N ARG B 76 5.63 -21.97 5.05
CA ARG B 76 5.66 -20.50 5.26
C ARG B 76 4.76 -19.78 4.25
N GLY B 77 4.31 -20.46 3.19
CA GLY B 77 3.33 -19.91 2.24
C GLY B 77 3.74 -20.08 0.80
N TRP B 78 2.88 -19.62 -0.10
CA TRP B 78 2.96 -19.86 -1.56
C TRP B 78 2.62 -18.56 -2.29
N TRP B 79 3.22 -18.37 -3.46
CA TRP B 79 2.87 -17.25 -4.36
C TRP B 79 2.81 -17.75 -5.81
N TRP B 80 1.94 -17.11 -6.58
CA TRP B 80 1.84 -17.22 -8.05
C TRP B 80 1.68 -15.80 -8.60
N LYS B 81 1.96 -15.63 -9.88
CA LYS B 81 1.68 -14.39 -10.62
C LYS B 81 0.69 -14.72 -11.73
N LEU B 82 -0.12 -13.73 -12.11
CA LEU B 82 -1.09 -13.86 -13.21
C LEU B 82 -0.91 -12.77 -14.26
N PRO B 83 -0.64 -13.13 -15.52
CA PRO B 83 -1.20 -14.35 -16.12
C PRO B 83 -0.15 -15.50 -16.15
N ASP B 84 1.06 -15.29 -15.59
CA ASP B 84 2.18 -16.26 -15.64
C ASP B 84 1.73 -17.69 -15.28
N ALA B 85 0.96 -17.85 -14.20
CA ALA B 85 0.55 -19.19 -13.69
C ALA B 85 -0.28 -19.95 -14.74
N LEU B 86 -0.93 -19.25 -15.68
CA LEU B 86 -1.83 -19.85 -16.70
C LEU B 86 -1.20 -19.85 -18.10
N LYS B 87 0.09 -19.51 -18.23
CA LYS B 87 0.72 -19.30 -19.56
C LYS B 87 0.75 -20.60 -20.38
N ASP B 88 0.70 -21.78 -19.74
CA ASP B 88 0.74 -23.11 -20.42
CA ASP B 88 0.74 -23.10 -20.43
C ASP B 88 -0.63 -23.78 -20.31
N MET B 89 -1.70 -23.02 -20.04
CA MET B 89 -3.07 -23.57 -19.84
C MET B 89 -3.90 -23.48 -21.12
N GLY B 90 -4.01 -24.61 -21.83
CA GLY B 90 -4.90 -24.81 -22.98
C GLY B 90 -4.88 -23.64 -23.95
N MET B 91 -6.06 -23.20 -24.37
CA MET B 91 -6.19 -22.15 -25.42
CA MET B 91 -6.21 -22.15 -25.42
C MET B 91 -5.91 -20.77 -24.83
N PHE B 92 -6.02 -20.60 -23.51
CA PHE B 92 -5.64 -19.30 -22.88
C PHE B 92 -4.16 -19.03 -23.18
N GLY B 93 -3.30 -20.01 -22.90
CA GLY B 93 -1.85 -19.92 -23.16
C GLY B 93 -1.55 -19.64 -24.61
N GLN B 94 -2.25 -20.30 -25.53
CA GLN B 94 -2.04 -20.12 -26.99
C GLN B 94 -2.41 -18.68 -27.38
N ASN B 95 -3.58 -18.21 -26.96
CA ASN B 95 -4.03 -16.82 -27.27
C ASN B 95 -3.04 -15.83 -26.65
N MET B 96 -2.60 -16.07 -25.42
CA MET B 96 -1.62 -15.18 -24.74
C MET B 96 -0.35 -15.03 -25.60
N TYR B 97 0.23 -16.14 -26.07
CA TYR B 97 1.58 -16.12 -26.70
C TYR B 97 1.50 -15.75 -28.18
N TYR B 98 0.37 -15.95 -28.87
CA TYR B 98 0.22 -15.57 -30.30
C TYR B 98 0.01 -14.05 -30.44
N HIS B 99 -0.28 -13.33 -29.36
CA HIS B 99 -0.58 -11.87 -29.38
C HIS B 99 0.45 -11.08 -28.57
N TYR B 100 0.80 -9.90 -29.07
CA TYR B 100 1.63 -8.89 -28.38
C TYR B 100 0.90 -8.42 -27.10
N LEU B 101 -0.42 -8.25 -27.18
CA LEU B 101 -1.22 -7.59 -26.10
C LEU B 101 -2.35 -8.51 -25.63
N GLY B 102 -2.64 -8.45 -24.34
CA GLY B 102 -3.76 -9.19 -23.74
C GLY B 102 -4.23 -8.52 -22.46
N ARG B 103 -5.51 -8.66 -22.18
CA ARG B 103 -6.09 -8.29 -20.87
C ARG B 103 -7.03 -9.41 -20.43
N SER B 104 -7.18 -9.56 -19.13
CA SER B 104 -7.99 -10.63 -18.52
C SER B 104 -8.36 -10.22 -17.10
N GLY B 105 -9.60 -10.52 -16.72
CA GLY B 105 -9.98 -10.71 -15.31
C GLY B 105 -9.86 -12.17 -14.94
N TYR B 106 -10.20 -12.52 -13.71
CA TYR B 106 -10.05 -13.91 -13.20
C TYR B 106 -11.13 -14.20 -12.16
N THR B 107 -11.58 -15.45 -12.13
CA THR B 107 -12.14 -16.07 -10.91
C THR B 107 -11.05 -16.96 -10.33
N VAL B 108 -10.59 -16.64 -9.12
CA VAL B 108 -9.62 -17.45 -8.35
C VAL B 108 -10.40 -18.26 -7.32
N HIS B 109 -10.27 -19.58 -7.34
CA HIS B 109 -10.92 -20.49 -6.37
C HIS B 109 -9.83 -21.31 -5.69
N VAL B 110 -9.56 -21.00 -4.43
CA VAL B 110 -8.55 -21.71 -3.60
C VAL B 110 -9.29 -22.73 -2.74
N GLN B 111 -8.82 -23.97 -2.76
CA GLN B 111 -9.51 -25.15 -2.19
C GLN B 111 -8.64 -25.78 -1.13
N CYS B 112 -9.16 -25.92 0.08
CA CYS B 112 -8.44 -26.59 1.19
C CYS B 112 -9.44 -27.09 2.24
N ASN B 113 -9.75 -28.38 2.19
CA ASN B 113 -10.65 -29.05 3.16
C ASN B 113 -9.78 -29.84 4.15
N ALA B 114 -10.32 -30.08 5.33
CA ALA B 114 -9.64 -30.82 6.40
C ALA B 114 -10.69 -31.61 7.18
N SER B 115 -10.82 -31.37 8.48
CA SER B 115 -11.87 -32.01 9.32
C SER B 115 -12.24 -31.02 10.41
N LYS B 116 -13.31 -31.34 11.14
CA LYS B 116 -13.76 -30.56 12.31
C LYS B 116 -12.76 -30.65 13.45
N PHE B 117 -11.71 -31.49 13.33
CA PHE B 117 -10.66 -31.70 14.35
C PHE B 117 -9.33 -31.05 13.95
N HIS B 118 -9.19 -30.60 12.71
CA HIS B 118 -8.00 -29.84 12.22
C HIS B 118 -8.19 -28.37 12.56
N GLN B 119 -7.10 -27.61 12.63
CA GLN B 119 -7.16 -26.14 12.76
C GLN B 119 -6.04 -25.52 11.93
N GLY B 120 -6.26 -24.27 11.54
CA GLY B 120 -5.31 -23.49 10.73
C GLY B 120 -6.05 -22.44 9.95
N ALA B 121 -5.36 -21.39 9.54
CA ALA B 121 -5.97 -20.29 8.77
C ALA B 121 -4.98 -19.84 7.69
N LEU B 122 -5.46 -19.82 6.44
CA LEU B 122 -4.75 -19.30 5.26
C LEU B 122 -5.30 -17.92 4.92
N GLY B 123 -4.43 -16.91 4.81
CA GLY B 123 -4.74 -15.64 4.16
C GLY B 123 -4.56 -15.80 2.66
N VAL B 124 -5.58 -15.47 1.88
CA VAL B 124 -5.55 -15.55 0.39
C VAL B 124 -5.68 -14.13 -0.14
N PHE B 125 -4.61 -13.59 -0.74
CA PHE B 125 -4.51 -12.17 -1.13
C PHE B 125 -4.28 -12.09 -2.64
N ALA B 126 -5.02 -11.19 -3.30
CA ALA B 126 -4.81 -10.80 -4.71
C ALA B 126 -4.17 -9.41 -4.69
N ILE B 127 -2.92 -9.32 -5.17
CA ILE B 127 -2.05 -8.12 -5.02
C ILE B 127 -1.77 -7.55 -6.41
N PRO B 128 -2.26 -6.34 -6.74
CA PRO B 128 -1.88 -5.69 -7.99
C PRO B 128 -0.39 -5.34 -7.97
N GLU B 129 0.31 -5.58 -9.09
CA GLU B 129 1.74 -5.23 -9.26
C GLU B 129 2.54 -5.80 -8.08
N TYR B 130 2.52 -7.12 -7.91
CA TYR B 130 3.19 -7.78 -6.76
C TYR B 130 4.69 -7.89 -7.05
N VAL B 131 5.38 -6.76 -6.87
CA VAL B 131 6.85 -6.64 -7.08
C VAL B 131 7.53 -7.18 -5.82
N MET B 132 8.47 -8.12 -5.98
CA MET B 132 9.17 -8.74 -4.83
CA MET B 132 9.17 -8.77 -4.85
C MET B 132 10.68 -8.43 -4.87
N ALA B 133 11.30 -8.48 -3.70
CA ALA B 133 12.73 -8.19 -3.44
C ALA B 133 13.59 -9.25 -4.11
N CYS B 134 14.78 -8.88 -4.56
CA CYS B 134 15.78 -9.82 -5.10
C CYS B 134 16.66 -10.35 -3.96
N ASN B 135 17.49 -11.36 -4.24
CA ASN B 135 18.21 -12.14 -3.21
C ASN B 135 19.72 -11.90 -3.30
N THR B 136 20.14 -10.70 -3.70
CA THR B 136 21.55 -10.26 -3.65
C THR B 136 21.60 -8.80 -3.19
N GLU B 137 22.57 -8.46 -2.33
CA GLU B 137 22.80 -7.07 -1.88
C GLU B 137 23.94 -6.43 -2.68
N ALA B 138 24.48 -7.12 -3.67
CA ALA B 138 25.48 -6.58 -4.63
C ALA B 138 24.77 -5.75 -5.72
N LYS B 139 23.46 -5.93 -5.89
CA LYS B 139 22.65 -5.25 -6.94
C LYS B 139 21.27 -4.92 -6.35
N THR B 140 20.50 -4.10 -7.07
CA THR B 140 19.07 -3.85 -6.79
C THR B 140 18.24 -4.34 -7.98
N SER B 141 16.99 -4.74 -7.74
CA SER B 141 16.00 -5.08 -8.80
C SER B 141 16.60 -6.13 -9.74
N TYR B 142 17.30 -7.12 -9.19
CA TYR B 142 18.17 -8.06 -9.93
C TYR B 142 17.55 -9.45 -9.88
N VAL B 143 16.55 -9.68 -10.71
CA VAL B 143 15.78 -10.95 -10.78
C VAL B 143 15.74 -11.38 -12.25
N SER B 144 16.03 -12.65 -12.51
CA SER B 144 15.95 -13.23 -13.87
C SER B 144 14.48 -13.39 -14.25
N TYR B 145 14.19 -13.28 -15.55
CA TYR B 145 12.86 -13.55 -16.13
C TYR B 145 12.37 -14.95 -15.70
N VAL B 146 13.24 -15.96 -15.80
CA VAL B 146 12.90 -17.37 -15.49
C VAL B 146 12.46 -17.49 -14.03
N ASN B 147 13.17 -16.85 -13.09
CA ASN B 147 12.85 -16.96 -11.64
C ASN B 147 11.59 -16.13 -11.31
N ALA B 148 11.35 -15.02 -12.02
CA ALA B 148 10.17 -14.15 -11.83
C ALA B 148 8.91 -14.86 -12.34
N ASN B 149 9.05 -15.76 -13.31
CA ASN B 149 7.93 -16.36 -14.08
C ASN B 149 7.99 -17.88 -13.97
N PRO B 150 7.74 -18.46 -12.77
CA PRO B 150 7.82 -19.91 -12.59
C PRO B 150 6.66 -20.70 -13.20
N GLY B 151 5.58 -20.02 -13.59
CA GLY B 151 4.39 -20.69 -14.15
C GLY B 151 3.54 -21.30 -13.05
N GLU B 152 2.88 -22.42 -13.35
CA GLU B 152 1.86 -23.02 -12.46
C GLU B 152 2.48 -23.51 -11.14
N LYS B 153 3.79 -23.82 -11.11
CA LYS B 153 4.43 -24.31 -9.86
C LYS B 153 4.51 -23.17 -8.84
N GLY B 154 4.51 -21.91 -9.30
CA GLY B 154 4.63 -20.74 -8.42
C GLY B 154 5.91 -20.79 -7.60
N GLY B 155 5.89 -20.22 -6.41
CA GLY B 155 7.03 -20.24 -5.48
C GLY B 155 6.57 -20.38 -4.05
N VAL B 156 7.52 -20.42 -3.13
CA VAL B 156 7.24 -20.53 -1.67
C VAL B 156 7.89 -19.35 -0.97
N PHE B 157 7.31 -18.98 0.17
CA PHE B 157 7.91 -18.03 1.12
C PHE B 157 8.88 -18.79 2.01
N ASP B 158 9.78 -18.03 2.65
CA ASP B 158 10.75 -18.51 3.65
C ASP B 158 10.61 -17.59 4.86
N ASN B 159 11.01 -18.05 6.05
CA ASN B 159 11.03 -17.21 7.27
C ASN B 159 12.45 -16.68 7.52
N ALA B 160 13.38 -16.90 6.58
CA ALA B 160 14.78 -16.44 6.66
C ALA B 160 15.14 -15.71 5.38
N TYR B 161 15.98 -14.70 5.49
CA TYR B 161 16.58 -13.94 4.37
C TYR B 161 18.08 -14.21 4.38
N ASN B 162 18.58 -14.88 3.35
CA ASN B 162 20.00 -15.27 3.17
C ASN B 162 20.43 -14.83 1.78
N PRO B 163 20.75 -13.53 1.58
CA PRO B 163 21.14 -13.05 0.26
C PRO B 163 22.47 -13.67 -0.18
N SER B 164 22.65 -13.85 -1.49
CA SER B 164 23.77 -14.62 -2.09
C SER B 164 25.09 -13.88 -1.92
N ALA B 165 26.18 -14.63 -1.77
CA ALA B 165 27.57 -14.12 -1.78
C ALA B 165 27.86 -13.40 -3.11
N GLU B 166 27.44 -14.00 -4.23
CA GLU B 166 27.72 -13.52 -5.61
C GLU B 166 26.40 -13.09 -6.26
N ALA B 167 26.40 -11.94 -6.96
CA ALA B 167 25.22 -11.33 -7.64
C ALA B 167 24.53 -12.35 -8.55
N SER B 168 25.31 -13.13 -9.31
CA SER B 168 24.82 -14.15 -10.28
C SER B 168 23.98 -15.24 -9.59
N GLU B 169 24.19 -15.48 -8.29
CA GLU B 169 23.50 -16.57 -7.52
C GLU B 169 22.24 -16.06 -6.81
N GLY B 170 21.97 -14.74 -6.84
CA GLY B 170 20.87 -14.10 -6.08
C GLY B 170 19.79 -13.52 -6.97
N ARG B 171 19.65 -13.98 -8.22
CA ARG B 171 18.72 -13.42 -9.23
C ARG B 171 17.34 -14.08 -9.12
N LYS B 172 16.88 -14.25 -7.88
CA LYS B 172 15.56 -14.83 -7.54
C LYS B 172 14.96 -13.94 -6.45
N PHE B 173 13.68 -14.16 -6.16
CA PHE B 173 12.96 -13.39 -5.12
C PHE B 173 13.44 -13.83 -3.75
N ALA B 174 13.64 -12.85 -2.85
CA ALA B 174 13.74 -13.05 -1.40
C ALA B 174 12.32 -12.99 -0.85
N ALA B 175 11.59 -14.11 -0.95
CA ALA B 175 10.17 -14.22 -0.57
C ALA B 175 10.08 -14.38 0.95
N LEU B 176 10.43 -13.33 1.70
CA LEU B 176 10.45 -13.33 3.18
C LEU B 176 9.02 -13.10 3.67
N ASP B 177 8.45 -14.09 4.36
CA ASP B 177 7.00 -14.16 4.70
C ASP B 177 6.53 -12.89 5.40
N TYR B 178 7.15 -12.48 6.52
CA TYR B 178 6.61 -11.42 7.39
C TYR B 178 6.78 -10.03 6.74
N LEU B 179 7.62 -9.91 5.72
CA LEU B 179 7.74 -8.66 4.91
C LEU B 179 7.03 -8.83 3.55
N LEU B 180 6.20 -9.87 3.40
CA LEU B 180 5.40 -10.13 2.17
C LEU B 180 6.30 -10.16 0.94
N GLY B 181 7.57 -10.55 1.12
CA GLY B 181 8.59 -10.57 0.06
C GLY B 181 8.86 -9.21 -0.58
N CYS B 182 8.49 -8.09 0.05
CA CYS B 182 8.59 -6.76 -0.60
C CYS B 182 8.74 -5.58 0.37
N GLY B 183 9.14 -5.82 1.63
CA GLY B 183 9.53 -4.74 2.56
C GLY B 183 8.35 -4.05 3.23
N VAL B 184 7.19 -4.71 3.31
CA VAL B 184 5.99 -4.20 4.03
C VAL B 184 5.56 -5.29 5.02
N LEU B 185 4.85 -4.96 6.09
CA LEU B 185 4.47 -5.99 7.10
C LEU B 185 3.25 -6.77 6.62
N ALA B 186 3.35 -8.10 6.67
CA ALA B 186 2.34 -9.06 6.16
C ALA B 186 0.99 -8.82 6.83
N GLY B 187 0.97 -8.35 8.09
CA GLY B 187 -0.26 -8.03 8.83
C GLY B 187 -1.12 -6.99 8.12
N ASN B 188 -0.53 -6.21 7.21
CA ASN B 188 -1.23 -5.14 6.47
C ASN B 188 -1.68 -5.61 5.08
N ALA B 189 -1.46 -6.89 4.73
CA ALA B 189 -1.83 -7.45 3.40
C ALA B 189 -3.36 -7.39 3.20
N PHE B 190 -4.14 -7.20 4.27
CA PHE B 190 -5.63 -7.16 4.25
C PHE B 190 -6.13 -5.91 3.52
N VAL B 191 -5.27 -4.94 3.21
CA VAL B 191 -5.66 -3.78 2.35
C VAL B 191 -5.85 -4.25 0.91
N TYR B 192 -5.31 -5.42 0.56
CA TYR B 192 -5.50 -6.08 -0.75
C TYR B 192 -6.76 -6.94 -0.69
N PRO B 193 -7.49 -7.09 -1.83
CA PRO B 193 -8.62 -8.02 -1.91
C PRO B 193 -8.20 -9.39 -1.36
N HIS B 194 -9.00 -9.96 -0.46
CA HIS B 194 -8.60 -11.19 0.26
C HIS B 194 -9.81 -11.96 0.77
N GLN B 195 -9.60 -13.24 1.05
CA GLN B 195 -10.43 -14.03 1.96
C GLN B 195 -9.48 -14.79 2.89
N ILE B 196 -10.03 -15.41 3.92
CA ILE B 196 -9.29 -16.34 4.81
C ILE B 196 -9.98 -17.70 4.71
N ILE B 197 -9.18 -18.74 4.53
CA ILE B 197 -9.64 -20.15 4.73
C ILE B 197 -9.26 -20.52 6.16
N ASN B 198 -10.23 -20.44 7.06
CA ASN B 198 -10.11 -20.83 8.48
C ASN B 198 -10.80 -22.19 8.56
N LEU B 199 -10.04 -23.27 8.82
CA LEU B 199 -10.53 -24.65 8.60
C LEU B 199 -11.80 -24.93 9.39
N ARG B 200 -12.00 -24.31 10.56
CA ARG B 200 -13.23 -24.52 11.36
C ARG B 200 -14.46 -23.90 10.67
N THR B 201 -14.27 -22.94 9.75
CA THR B 201 -15.35 -22.15 9.13
C THR B 201 -15.59 -22.57 7.67
N ASN B 202 -14.53 -22.63 6.87
CA ASN B 202 -14.65 -22.70 5.39
C ASN B 202 -13.53 -23.55 4.82
N ASN B 203 -13.77 -24.10 3.62
CA ASN B 203 -12.82 -24.98 2.89
C ASN B 203 -12.42 -24.34 1.56
N SER B 204 -12.84 -23.10 1.28
CA SER B 204 -12.56 -22.46 -0.03
C SER B 204 -12.58 -20.95 0.11
N ALA B 205 -11.83 -20.30 -0.78
CA ALA B 205 -11.83 -18.84 -0.99
C ALA B 205 -12.14 -18.59 -2.47
N THR B 206 -12.99 -17.60 -2.75
CA THR B 206 -13.35 -17.18 -4.12
C THR B 206 -13.11 -15.68 -4.24
N LEU B 207 -12.23 -15.30 -5.18
CA LEU B 207 -11.95 -13.89 -5.51
CA LEU B 207 -11.90 -13.89 -5.52
C LEU B 207 -12.19 -13.68 -7.01
N VAL B 208 -13.05 -12.73 -7.34
CA VAL B 208 -13.31 -12.31 -8.75
C VAL B 208 -12.52 -11.02 -8.95
N LEU B 209 -11.61 -11.01 -9.93
CA LEU B 209 -10.63 -9.93 -10.15
C LEU B 209 -10.95 -9.26 -11.48
N PRO B 210 -11.12 -7.91 -11.51
CA PRO B 210 -11.15 -7.20 -12.77
C PRO B 210 -9.71 -7.08 -13.27
N TYR B 211 -9.53 -6.75 -14.55
CA TYR B 211 -8.21 -6.31 -15.07
C TYR B 211 -7.80 -5.07 -14.27
N VAL B 212 -6.57 -5.04 -13.77
CA VAL B 212 -6.02 -3.87 -13.04
C VAL B 212 -4.64 -3.55 -13.66
N ASN B 213 -4.50 -2.31 -14.09
CA ASN B 213 -3.27 -1.78 -14.74
C ASN B 213 -3.45 -0.27 -14.90
N SER B 214 -2.37 0.44 -15.20
CA SER B 214 -2.38 1.87 -15.59
C SER B 214 -2.62 2.02 -17.10
N LEU B 215 -2.88 0.91 -17.80
CA LEU B 215 -3.17 0.82 -19.26
C LEU B 215 -4.43 0.00 -19.47
N ALA B 216 -5.09 0.21 -20.60
CA ALA B 216 -6.25 -0.60 -21.05
C ALA B 216 -5.81 -2.03 -21.34
N ILE B 217 -4.61 -2.21 -21.91
CA ILE B 217 -4.12 -3.56 -22.35
C ILE B 217 -2.59 -3.52 -22.39
N ASP B 218 -1.95 -4.66 -22.20
CA ASP B 218 -0.49 -4.69 -21.96
C ASP B 218 0.08 -6.03 -22.44
N CYS B 219 1.40 -6.14 -22.37
CA CYS B 219 2.15 -7.35 -22.82
CA CYS B 219 2.17 -7.34 -22.81
C CYS B 219 2.18 -8.38 -21.69
N MET B 220 1.31 -9.38 -21.81
CA MET B 220 1.16 -10.45 -20.78
C MET B 220 2.48 -11.18 -20.56
N ALA B 221 3.28 -11.40 -21.61
CA ALA B 221 4.57 -12.13 -21.51
C ALA B 221 5.63 -11.28 -20.79
N LYS B 222 5.46 -9.96 -20.70
CA LYS B 222 6.41 -9.03 -20.02
C LYS B 222 5.96 -8.75 -18.58
N HIS B 223 4.65 -8.74 -18.32
CA HIS B 223 4.05 -8.02 -17.17
C HIS B 223 2.95 -8.85 -16.52
N ASN B 224 3.12 -9.19 -15.24
CA ASN B 224 2.08 -9.82 -14.41
C ASN B 224 1.26 -8.73 -13.71
N ASN B 225 -0.06 -8.77 -13.88
CA ASN B 225 -0.99 -7.75 -13.33
C ASN B 225 -1.27 -8.03 -11.86
N TRP B 226 -1.35 -9.31 -11.47
CA TRP B 226 -1.74 -9.74 -10.11
C TRP B 226 -0.72 -10.72 -9.55
N GLY B 227 -0.43 -10.61 -8.26
CA GLY B 227 0.12 -11.70 -7.44
C GLY B 227 -1.00 -12.40 -6.69
N LEU B 228 -0.89 -13.71 -6.53
CA LEU B 228 -1.74 -14.51 -5.63
C LEU B 228 -0.85 -15.01 -4.50
N VAL B 229 -1.15 -14.61 -3.27
CA VAL B 229 -0.37 -14.98 -2.07
C VAL B 229 -1.27 -15.81 -1.16
N ILE B 230 -0.76 -16.97 -0.73
CA ILE B 230 -1.41 -17.80 0.33
C ILE B 230 -0.41 -17.90 1.49
N LEU B 231 -0.74 -17.29 2.62
CA LEU B 231 0.09 -17.30 3.85
C LEU B 231 -0.66 -18.04 4.94
N PRO B 232 -0.02 -19.03 5.61
CA PRO B 232 -0.56 -19.60 6.83
C PRO B 232 -0.48 -18.56 7.95
N LEU B 233 -1.59 -17.92 8.27
CA LEU B 233 -1.68 -16.92 9.36
C LEU B 233 -1.62 -17.65 10.70
N CYS B 234 -2.31 -18.80 10.79
CA CYS B 234 -2.25 -19.73 11.94
C CYS B 234 -1.86 -21.10 11.41
N LYS B 235 -0.82 -21.69 12.00
CA LYS B 235 -0.19 -22.93 11.47
C LYS B 235 -1.22 -24.06 11.48
N LEU B 236 -1.09 -24.97 10.51
CA LEU B 236 -1.84 -26.25 10.49
C LEU B 236 -1.52 -27.03 11.76
N ASP B 237 -2.54 -27.49 12.47
CA ASP B 237 -2.35 -28.36 13.64
C ASP B 237 -3.43 -29.44 13.62
N TYR B 238 -3.01 -30.65 13.96
CA TYR B 238 -3.85 -31.87 14.00
C TYR B 238 -3.24 -32.75 15.09
N ALA B 239 -3.97 -32.97 16.18
CA ALA B 239 -3.44 -33.58 17.43
C ALA B 239 -2.94 -35.00 17.16
N PRO B 240 -3.67 -35.88 16.43
CA PRO B 240 -3.18 -37.25 16.18
C PRO B 240 -1.89 -37.34 15.36
N ASN B 241 -1.55 -36.32 14.56
CA ASN B 241 -0.34 -36.33 13.70
C ASN B 241 0.02 -34.88 13.33
N SER B 242 0.92 -34.27 14.11
CA SER B 242 1.44 -32.90 13.89
C SER B 242 2.17 -32.79 12.54
N SER B 243 2.62 -33.91 11.98
CA SER B 243 3.33 -34.00 10.68
C SER B 243 2.35 -34.24 9.51
N THR B 244 1.04 -34.17 9.72
CA THR B 244 0.05 -34.38 8.64
C THR B 244 0.19 -33.26 7.59
N GLU B 245 -0.19 -33.56 6.36
CA GLU B 245 -0.21 -32.61 5.23
C GLU B 245 -1.62 -32.62 4.64
N ILE B 246 -2.15 -31.45 4.32
CA ILE B 246 -3.42 -31.34 3.57
C ILE B 246 -3.15 -30.54 2.31
N PRO B 247 -3.72 -30.95 1.16
CA PRO B 247 -3.52 -30.23 -0.09
C PRO B 247 -4.17 -28.86 -0.09
N ILE B 248 -3.53 -27.92 -0.77
CA ILE B 248 -4.15 -26.65 -1.24
C ILE B 248 -4.18 -26.73 -2.75
N THR B 249 -5.36 -26.56 -3.34
CA THR B 249 -5.55 -26.61 -4.82
C THR B 249 -6.03 -25.24 -5.28
N VAL B 250 -5.36 -24.72 -6.30
CA VAL B 250 -5.67 -23.39 -6.90
C VAL B 250 -6.27 -23.64 -8.28
N THR B 251 -7.47 -23.15 -8.51
CA THR B 251 -8.21 -23.25 -9.79
C THR B 251 -8.57 -21.82 -10.22
N ILE B 252 -8.16 -21.43 -11.42
CA ILE B 252 -8.31 -20.03 -11.90
C ILE B 252 -8.91 -20.05 -13.30
N ALA B 253 -9.95 -19.23 -13.52
CA ALA B 253 -10.58 -19.00 -14.82
C ALA B 253 -10.27 -17.58 -15.28
N PRO B 254 -9.60 -17.40 -16.44
CA PRO B 254 -9.62 -16.12 -17.13
C PRO B 254 -11.06 -15.70 -17.44
N MET B 255 -11.31 -14.40 -17.50
CA MET B 255 -12.65 -13.83 -17.78
C MET B 255 -12.49 -12.59 -18.67
N PHE B 256 -13.41 -12.40 -19.62
CA PHE B 256 -13.43 -11.21 -20.50
C PHE B 256 -12.04 -11.02 -21.11
N THR B 257 -11.44 -12.10 -21.61
CA THR B 257 -10.12 -12.04 -22.25
C THR B 257 -10.24 -11.37 -23.62
N GLU B 258 -9.25 -10.56 -23.94
CA GLU B 258 -9.22 -9.76 -25.18
C GLU B 258 -7.74 -9.60 -25.55
N PHE B 259 -7.40 -9.87 -26.81
CA PHE B 259 -6.00 -9.91 -27.30
C PHE B 259 -5.90 -9.07 -28.58
N ASN B 260 -4.78 -8.37 -28.72
CA ASN B 260 -4.46 -7.50 -29.90
C ASN B 260 -3.03 -7.79 -30.35
N GLY B 261 -2.74 -7.50 -31.62
CA GLY B 261 -1.37 -7.61 -32.17
C GLY B 261 -0.97 -9.05 -32.42
N LEU B 262 -1.74 -9.73 -33.26
CA LEU B 262 -1.48 -11.13 -33.68
C LEU B 262 -0.19 -11.19 -34.51
N ARG B 263 0.65 -12.19 -34.27
CA ARG B 263 1.80 -12.53 -35.14
C ARG B 263 2.17 -13.99 -34.90
N ASN B 264 3.43 -14.34 -35.14
CA ASN B 264 4.02 -15.65 -34.78
C ASN B 264 4.03 -15.78 -33.25
N ILE B 265 4.15 -17.03 -32.77
CA ILE B 265 4.02 -17.34 -31.32
C ILE B 265 5.28 -16.88 -30.57
N THR B 266 5.07 -16.27 -29.42
CA THR B 266 6.11 -15.96 -28.41
C THR B 266 6.53 -17.27 -27.73
N VAL B 267 7.84 -17.56 -27.74
CA VAL B 267 8.44 -18.71 -27.00
C VAL B 267 9.49 -18.13 -26.06
N PRO B 268 9.14 -17.86 -24.78
CA PRO B 268 10.09 -17.28 -23.84
C PRO B 268 11.28 -18.21 -23.54
N ALA B 269 12.40 -17.60 -23.15
CA ALA B 269 13.62 -18.28 -22.66
C ALA B 269 13.24 -19.15 -21.46
N THR B 270 13.86 -20.33 -21.34
CA THR B 270 13.62 -21.33 -20.26
C THR B 270 14.82 -21.46 -19.31
N GLN B 271 15.95 -20.83 -19.62
CA GLN B 271 17.19 -20.87 -18.79
C GLN B 271 17.87 -19.50 -18.82
N GLY C 1 3.15 51.97 -13.95
CA GLY C 1 2.57 50.72 -13.39
C GLY C 1 1.58 51.00 -12.27
N LEU C 2 0.73 50.01 -11.97
CA LEU C 2 -0.17 50.00 -10.78
C LEU C 2 0.70 50.14 -9.53
N PRO C 3 0.53 51.19 -8.70
CA PRO C 3 1.26 51.27 -7.44
C PRO C 3 0.94 50.08 -6.52
N THR C 4 1.98 49.37 -6.07
CA THR C 4 1.89 48.18 -5.19
C THR C 4 2.88 48.36 -4.03
N MET C 5 2.69 47.59 -2.97
CA MET C 5 3.58 47.62 -1.79
C MET C 5 3.75 46.21 -1.27
N LEU C 6 4.99 45.69 -1.26
CA LEU C 6 5.28 44.30 -0.83
C LEU C 6 5.05 44.19 0.68
N THR C 7 4.39 43.11 1.10
CA THR C 7 4.07 42.80 2.52
C THR C 7 5.05 41.76 3.03
N PRO C 8 5.12 41.54 4.36
CA PRO C 8 5.85 40.39 4.90
C PRO C 8 5.39 39.08 4.25
N GLY C 9 6.33 38.15 4.12
CA GLY C 9 6.15 36.88 3.39
C GLY C 9 6.69 36.95 1.98
N SER C 10 6.88 38.15 1.43
CA SER C 10 7.32 38.35 0.01
CA SER C 10 7.32 38.36 0.02
C SER C 10 8.61 37.56 -0.25
N SER C 11 8.59 36.71 -1.27
CA SER C 11 9.73 35.91 -1.81
C SER C 11 10.00 34.64 -1.01
N GLN C 12 9.27 34.37 0.07
CA GLN C 12 9.49 33.16 0.89
C GLN C 12 9.01 31.93 0.11
N PHE C 13 9.56 30.76 0.41
CA PHE C 13 9.08 29.45 -0.08
C PHE C 13 8.54 28.67 1.13
N LEU C 14 7.22 28.76 1.34
CA LEU C 14 6.48 27.95 2.33
C LEU C 14 6.07 26.65 1.64
N THR C 15 6.49 25.49 2.18
CA THR C 15 6.33 24.17 1.49
C THR C 15 4.85 23.73 1.50
N SER C 16 4.00 24.36 2.32
CA SER C 16 2.54 24.12 2.36
C SER C 16 1.77 25.26 1.68
N ASP C 17 2.45 26.11 0.90
CA ASP C 17 1.77 27.19 0.12
C ASP C 17 0.90 26.53 -0.97
N ASP C 18 0.03 27.33 -1.57
CA ASP C 18 -0.93 26.85 -2.59
C ASP C 18 -1.13 27.95 -3.63
N PHE C 19 -0.14 28.12 -4.50
CA PHE C 19 -0.12 29.17 -5.54
C PHE C 19 -0.09 28.52 -6.91
N GLN C 20 -0.50 29.32 -7.89
CA GLN C 20 -0.35 29.02 -9.33
C GLN C 20 1.13 29.19 -9.70
N SER C 21 1.57 28.54 -10.75
CA SER C 21 2.93 28.72 -11.31
C SER C 21 2.90 28.42 -12.80
N PRO C 22 3.80 29.06 -13.59
CA PRO C 22 3.81 28.84 -15.03
C PRO C 22 4.15 27.39 -15.35
N CYS C 23 3.54 26.88 -16.42
CA CYS C 23 3.73 25.49 -16.89
C CYS C 23 4.96 25.44 -17.81
N ALA C 24 5.91 24.55 -17.51
CA ALA C 24 7.16 24.38 -18.30
C ALA C 24 6.87 23.70 -19.64
N LEU C 25 5.74 23.01 -19.78
CA LEU C 25 5.33 22.30 -21.02
C LEU C 25 3.96 22.80 -21.44
N PRO C 26 3.85 24.05 -21.95
CA PRO C 26 2.56 24.62 -22.33
C PRO C 26 1.89 23.85 -23.46
N ASN C 27 0.55 23.80 -23.42
CA ASN C 27 -0.36 23.14 -24.39
C ASN C 27 0.00 21.67 -24.58
N PHE C 28 0.47 21.04 -23.51
CA PHE C 28 0.73 19.57 -23.47
C PHE C 28 -0.61 18.86 -23.39
N ASP C 29 -0.77 17.82 -24.20
CA ASP C 29 -2.00 16.99 -24.31
C ASP C 29 -1.85 15.76 -23.41
N VAL C 30 -2.43 15.82 -22.20
CA VAL C 30 -2.28 14.71 -21.20
C VAL C 30 -2.93 13.45 -21.78
N THR C 31 -2.42 12.28 -21.40
CA THR C 31 -3.02 10.98 -21.78
C THR C 31 -4.46 10.96 -21.30
N PRO C 32 -5.46 10.61 -22.14
CA PRO C 32 -6.84 10.54 -21.68
C PRO C 32 -6.95 9.61 -20.48
N PRO C 33 -7.77 9.96 -19.46
CA PRO C 33 -8.02 9.06 -18.35
C PRO C 33 -8.85 7.86 -18.81
N ILE C 34 -8.64 6.71 -18.17
CA ILE C 34 -9.55 5.54 -18.24
C ILE C 34 -9.92 5.16 -16.80
N HIS C 35 -11.01 4.43 -16.66
CA HIS C 35 -11.44 3.89 -15.35
C HIS C 35 -10.42 2.83 -14.90
N ILE C 36 -9.87 3.00 -13.71
CA ILE C 36 -8.99 1.99 -13.05
C ILE C 36 -9.71 1.58 -11.77
N PRO C 37 -9.83 0.26 -11.47
CA PRO C 37 -10.43 -0.17 -10.21
C PRO C 37 -9.62 0.33 -9.00
N GLY C 38 -10.29 0.49 -7.86
CA GLY C 38 -9.66 0.70 -6.55
C GLY C 38 -9.24 2.15 -6.31
N GLU C 39 -9.96 3.12 -6.89
CA GLU C 39 -9.63 4.55 -6.63
C GLU C 39 -9.84 4.85 -5.14
N VAL C 40 -8.91 5.59 -4.56
CA VAL C 40 -8.94 6.07 -3.14
C VAL C 40 -9.12 7.58 -3.18
N PHE C 41 -9.96 8.12 -2.29
CA PHE C 41 -10.22 9.58 -2.17
C PHE C 41 -9.68 10.12 -0.85
N ASN C 42 -9.63 9.29 0.20
CA ASN C 42 -9.33 9.75 1.57
C ASN C 42 -8.50 8.69 2.30
N MET C 43 -7.46 9.09 3.01
CA MET C 43 -6.62 8.15 3.80
C MET C 43 -7.47 7.47 4.88
N MET C 44 -8.58 8.08 5.32
CA MET C 44 -9.46 7.47 6.36
CA MET C 44 -9.46 7.48 6.36
C MET C 44 -10.21 6.27 5.77
N GLU C 45 -10.40 6.20 4.45
CA GLU C 45 -10.94 4.98 3.80
C GLU C 45 -10.02 3.79 4.12
N LEU C 46 -8.71 4.02 4.06
CA LEU C 46 -7.69 2.97 4.33
C LEU C 46 -7.65 2.63 5.82
N ALA C 47 -7.88 3.62 6.69
CA ALA C 47 -7.90 3.46 8.17
C ALA C 47 -9.08 2.57 8.59
N GLU C 48 -10.16 2.49 7.80
CA GLU C 48 -11.36 1.67 8.12
C GLU C 48 -11.16 0.19 7.74
N ILE C 49 -10.08 -0.14 7.05
CA ILE C 49 -9.75 -1.56 6.67
C ILE C 49 -9.13 -2.25 7.89
N ASP C 50 -9.58 -3.46 8.21
CA ASP C 50 -8.94 -4.31 9.24
C ASP C 50 -7.50 -4.63 8.83
N SER C 51 -6.56 -4.46 9.75
CA SER C 51 -5.20 -5.03 9.63
C SER C 51 -4.84 -5.72 10.94
N MET C 52 -3.94 -6.69 10.87
CA MET C 52 -3.63 -7.61 11.98
C MET C 52 -2.73 -6.88 12.98
N ILE C 53 -3.09 -6.93 14.26
CA ILE C 53 -2.22 -6.43 15.36
C ILE C 53 -1.13 -7.48 15.58
N PRO C 54 0.17 -7.10 15.59
CA PRO C 54 1.24 -8.02 16.01
C PRO C 54 1.23 -8.16 17.53
N MET C 55 0.17 -8.79 18.04
CA MET C 55 -0.16 -8.79 19.49
C MET C 55 0.89 -9.59 20.26
N ASN C 56 1.48 -10.63 19.66
CA ASN C 56 2.44 -11.53 20.34
C ASN C 56 3.87 -11.22 19.88
N SER C 57 4.23 -9.93 19.79
CA SER C 57 5.58 -9.46 19.38
CA SER C 57 5.58 -9.45 19.39
C SER C 57 6.57 -9.58 20.55
N VAL C 58 6.60 -10.74 21.21
CA VAL C 58 7.52 -11.02 22.35
C VAL C 58 8.88 -11.45 21.78
N THR C 59 9.91 -11.54 22.62
CA THR C 59 11.26 -12.01 22.21
C THR C 59 11.13 -13.37 21.52
N GLY C 60 11.72 -13.51 20.33
CA GLY C 60 11.66 -14.74 19.52
C GLY C 60 10.50 -14.77 18.55
N LYS C 61 9.50 -13.88 18.72
CA LYS C 61 8.30 -13.83 17.82
C LYS C 61 8.21 -12.48 17.10
N ALA C 62 8.64 -11.38 17.71
CA ALA C 62 8.75 -10.06 17.03
C ALA C 62 9.48 -10.25 15.69
N ASN C 63 8.96 -9.65 14.62
CA ASN C 63 9.60 -9.65 13.27
C ASN C 63 9.64 -11.08 12.71
N THR C 64 8.60 -11.86 13.00
CA THR C 64 8.31 -13.18 12.40
C THR C 64 6.80 -13.24 12.19
N MET C 65 6.30 -14.17 11.36
CA MET C 65 4.84 -14.34 11.19
C MET C 65 4.18 -14.75 12.52
N GLU C 66 4.94 -15.32 13.45
CA GLU C 66 4.43 -15.76 14.78
C GLU C 66 4.17 -14.55 15.70
N MET C 67 4.48 -13.31 15.29
CA MET C 67 4.14 -12.11 16.11
C MET C 67 2.62 -11.85 16.11
N TYR C 68 1.87 -12.38 15.14
CA TYR C 68 0.42 -12.06 14.98
C TYR C 68 -0.47 -12.98 15.80
N PRO C 69 -0.35 -14.33 15.73
CA PRO C 69 -1.30 -15.21 16.42
C PRO C 69 -1.23 -15.09 17.95
N ILE C 70 -2.38 -14.91 18.58
CA ILE C 70 -2.52 -14.78 20.05
C ILE C 70 -2.72 -16.18 20.62
N PRO C 71 -1.78 -16.70 21.45
CA PRO C 71 -1.92 -18.03 22.04
C PRO C 71 -3.18 -18.16 22.92
N LEU C 72 -3.91 -19.25 22.67
CA LEU C 72 -5.07 -19.72 23.46
C LEU C 72 -4.84 -21.18 23.82
N ASP C 73 -5.47 -21.65 24.89
CA ASP C 73 -5.45 -23.09 25.23
C ASP C 73 -6.70 -23.43 26.03
N ASP C 74 -6.84 -24.69 26.41
CA ASP C 74 -8.05 -25.22 27.09
C ASP C 74 -7.84 -25.29 28.61
N LYS C 75 -6.86 -24.57 29.17
CA LYS C 75 -6.47 -24.71 30.60
C LYS C 75 -7.27 -23.76 31.50
N GLY C 76 -7.92 -22.72 30.96
CA GLY C 76 -8.79 -21.81 31.74
C GLY C 76 -8.03 -21.01 32.79
N SER C 77 -6.81 -20.58 32.51
CA SER C 77 -6.02 -19.68 33.39
C SER C 77 -6.81 -18.39 33.66
N ALA C 78 -6.68 -17.84 34.88
CA ALA C 78 -7.27 -16.53 35.27
C ALA C 78 -6.39 -15.38 34.79
N THR C 79 -5.19 -15.65 34.28
CA THR C 79 -4.27 -14.59 33.80
CA THR C 79 -4.22 -14.67 33.73
C THR C 79 -4.84 -14.03 32.49
N PRO C 80 -4.62 -12.72 32.20
CA PRO C 80 -5.09 -12.15 30.94
C PRO C 80 -4.43 -12.83 29.74
N ILE C 81 -5.18 -12.96 28.65
CA ILE C 81 -4.74 -13.58 27.37
C ILE C 81 -3.85 -12.59 26.61
N PHE C 82 -4.24 -11.31 26.59
CA PHE C 82 -3.40 -10.19 26.11
C PHE C 82 -3.86 -8.92 26.83
N SER C 83 -2.98 -7.92 26.87
CA SER C 83 -3.25 -6.60 27.46
C SER C 83 -2.49 -5.57 26.63
N ILE C 84 -3.18 -4.49 26.23
CA ILE C 84 -2.58 -3.44 25.34
C ILE C 84 -3.24 -2.10 25.67
N SER C 85 -2.46 -1.02 25.64
CA SER C 85 -2.93 0.37 25.86
C SER C 85 -3.57 0.89 24.58
N LEU C 86 -4.62 1.72 24.72
CA LEU C 86 -5.27 2.39 23.57
C LEU C 86 -4.42 3.62 23.19
N SER C 87 -3.28 3.34 22.59
CA SER C 87 -2.29 4.32 22.07
C SER C 87 -1.99 3.92 20.63
N PRO C 88 -2.94 4.17 19.70
CA PRO C 88 -2.88 3.54 18.37
C PRO C 88 -1.75 4.02 17.46
N ALA C 89 -1.16 5.19 17.72
CA ALA C 89 -0.03 5.76 16.94
C ALA C 89 1.32 5.32 17.53
N SER C 90 1.42 5.21 18.87
CA SER C 90 2.72 5.16 19.60
C SER C 90 2.99 3.78 20.20
N ASP C 91 1.98 2.96 20.45
CA ASP C 91 2.18 1.64 21.09
C ASP C 91 3.08 0.78 20.20
N LYS C 92 3.99 0.01 20.80
CA LYS C 92 4.99 -0.83 20.10
C LYS C 92 4.30 -1.86 19.18
N ARG C 93 3.07 -2.26 19.50
CA ARG C 93 2.30 -3.24 18.69
C ARG C 93 1.31 -2.54 17.74
N LEU C 94 0.68 -1.43 18.12
CA LEU C 94 -0.33 -0.78 17.24
C LEU C 94 0.33 0.09 16.17
N GLN C 95 1.53 0.63 16.38
CA GLN C 95 2.15 1.66 15.50
CA GLN C 95 2.13 1.67 15.50
C GLN C 95 2.36 1.11 14.09
N TYR C 96 2.56 -0.21 13.93
CA TYR C 96 2.89 -0.83 12.61
C TYR C 96 1.66 -1.47 11.95
N THR C 97 0.47 -1.35 12.54
CA THR C 97 -0.80 -1.68 11.85
C THR C 97 -1.04 -0.63 10.77
N MET C 98 -1.93 -0.92 9.83
CA MET C 98 -2.27 0.04 8.74
C MET C 98 -2.80 1.34 9.37
N LEU C 99 -3.68 1.23 10.36
CA LEU C 99 -4.21 2.41 11.09
C LEU C 99 -3.05 3.16 11.76
N GLY C 100 -2.19 2.45 12.48
CA GLY C 100 -1.02 3.04 13.15
C GLY C 100 -0.14 3.80 12.18
N GLU C 101 0.11 3.23 10.99
CA GLU C 101 0.99 3.84 9.98
C GLU C 101 0.38 5.16 9.48
N ILE C 102 -0.93 5.17 9.23
CA ILE C 102 -1.65 6.38 8.76
C ILE C 102 -1.62 7.44 9.88
N LEU C 103 -1.88 7.04 11.13
CA LEU C 103 -1.89 7.97 12.30
C LEU C 103 -0.53 8.65 12.47
N ASN C 104 0.57 8.01 12.07
CA ASN C 104 1.93 8.56 12.26
C ASN C 104 2.26 9.60 11.18
N TYR C 105 1.35 9.89 10.24
CA TYR C 105 1.41 11.08 9.36
C TYR C 105 0.53 12.21 9.91
N TYR C 106 -0.08 12.05 11.08
CA TYR C 106 -0.96 13.07 11.69
C TYR C 106 -0.58 13.25 13.16
N THR C 107 -1.00 14.38 13.72
CA THR C 107 -0.67 14.80 15.10
C THR C 107 -1.85 14.50 16.03
N HIS C 108 -3.08 14.56 15.50
CA HIS C 108 -4.34 14.48 16.26
C HIS C 108 -5.22 13.38 15.68
N TRP C 109 -5.89 12.63 16.55
CA TRP C 109 -6.92 11.64 16.15
C TRP C 109 -8.13 11.74 17.06
N THR C 110 -9.28 11.36 16.53
CA THR C 110 -10.55 11.29 17.27
C THR C 110 -11.39 10.16 16.69
N GLY C 111 -12.22 9.54 17.52
CA GLY C 111 -13.23 8.58 17.11
C GLY C 111 -13.04 7.21 17.74
N SER C 112 -13.85 6.27 17.29
CA SER C 112 -14.01 4.94 17.89
C SER C 112 -13.11 3.96 17.15
N LEU C 113 -12.52 3.02 17.88
CA LEU C 113 -11.63 1.98 17.34
C LEU C 113 -12.33 0.63 17.47
N ARG C 114 -12.26 -0.15 16.39
CA ARG C 114 -12.92 -1.46 16.24
C ARG C 114 -11.84 -2.54 16.31
N PHE C 115 -11.98 -3.47 17.26
CA PHE C 115 -11.09 -4.63 17.45
C PHE C 115 -11.89 -5.88 17.12
N THR C 116 -11.53 -6.56 16.03
CA THR C 116 -12.23 -7.77 15.54
C THR C 116 -11.29 -8.97 15.74
N PHE C 117 -11.81 -10.01 16.37
CA PHE C 117 -11.04 -11.21 16.77
C PHE C 117 -11.57 -12.41 15.98
N LEU C 118 -10.66 -13.14 15.34
CA LEU C 118 -10.97 -14.36 14.56
C LEU C 118 -10.42 -15.56 15.32
N PHE C 119 -11.28 -16.45 15.77
CA PHE C 119 -10.87 -17.70 16.45
C PHE C 119 -10.48 -18.73 15.39
N CYS C 120 -9.26 -19.30 15.51
CA CYS C 120 -8.67 -20.22 14.50
C CYS C 120 -8.37 -21.59 15.12
N GLY C 121 -9.05 -21.96 16.19
CA GLY C 121 -9.07 -23.36 16.69
C GLY C 121 -9.86 -24.26 15.76
N SER C 122 -10.01 -25.53 16.15
CA SER C 122 -10.84 -26.52 15.41
C SER C 122 -12.32 -26.18 15.59
N MET C 123 -13.17 -26.70 14.71
CA MET C 123 -14.64 -26.56 14.83
C MET C 123 -15.12 -27.18 16.15
N MET C 124 -14.42 -28.21 16.65
CA MET C 124 -14.81 -28.95 17.88
C MET C 124 -14.48 -28.15 19.16
N ALA C 125 -13.65 -27.09 19.08
CA ALA C 125 -13.31 -26.22 20.21
C ALA C 125 -14.48 -25.27 20.49
N THR C 126 -14.90 -25.18 21.76
CA THR C 126 -15.91 -24.20 22.25
C THR C 126 -15.21 -23.26 23.22
N GLY C 127 -15.88 -22.17 23.60
CA GLY C 127 -15.32 -21.25 24.60
C GLY C 127 -16.10 -19.97 24.70
N LYS C 128 -15.93 -19.29 25.82
CA LYS C 128 -16.43 -17.92 26.02
C LYS C 128 -15.25 -17.07 26.47
N ILE C 129 -15.08 -15.92 25.82
CA ILE C 129 -13.93 -15.01 26.02
C ILE C 129 -14.49 -13.62 26.31
N LEU C 130 -13.97 -12.96 27.34
CA LEU C 130 -14.32 -11.56 27.71
C LEU C 130 -13.27 -10.63 27.09
N LEU C 131 -13.74 -9.64 26.34
CA LEU C 131 -12.91 -8.59 25.70
C LEU C 131 -13.33 -7.26 26.31
N SER C 132 -12.40 -6.50 26.89
CA SER C 132 -12.72 -5.30 27.70
CA SER C 132 -12.70 -5.30 27.72
C SER C 132 -11.91 -4.07 27.24
N TYR C 133 -12.55 -2.92 27.33
CA TYR C 133 -11.93 -1.58 27.17
C TYR C 133 -12.26 -0.79 28.43
N SER C 134 -11.23 -0.39 29.17
CA SER C 134 -11.35 0.39 30.42
C SER C 134 -10.81 1.78 30.16
N PRO C 135 -11.68 2.82 30.09
CA PRO C 135 -11.20 4.19 29.98
C PRO C 135 -10.26 4.52 31.14
N PRO C 136 -9.30 5.44 30.91
CA PRO C 136 -8.17 5.61 31.82
C PRO C 136 -8.48 6.27 33.18
N GLY C 137 -7.47 6.34 34.04
CA GLY C 137 -7.49 7.05 35.32
C GLY C 137 -7.70 6.15 36.53
N ALA C 138 -7.79 4.82 36.33
CA ALA C 138 -7.91 3.84 37.43
C ALA C 138 -6.86 2.74 37.25
N LYS C 139 -6.72 1.87 38.26
CA LYS C 139 -5.76 0.75 38.26
C LYS C 139 -5.94 -0.02 36.95
N PRO C 140 -4.86 -0.21 36.15
CA PRO C 140 -4.97 -1.02 34.94
C PRO C 140 -5.46 -2.41 35.30
N PRO C 141 -6.46 -2.97 34.58
CA PRO C 141 -7.06 -4.25 34.96
C PRO C 141 -6.13 -5.42 34.65
N THR C 142 -5.87 -6.27 35.64
CA THR C 142 -5.06 -7.51 35.52
C THR C 142 -5.89 -8.73 35.92
N THR C 143 -7.17 -8.54 36.27
CA THR C 143 -8.11 -9.62 36.65
C THR C 143 -9.43 -9.40 35.90
N ARG C 144 -10.15 -10.49 35.66
CA ARG C 144 -11.45 -10.43 34.96
C ARG C 144 -12.43 -9.57 35.76
N LYS C 145 -12.41 -9.62 37.09
CA LYS C 145 -13.42 -8.90 37.90
C LYS C 145 -13.20 -7.38 37.84
N ASP C 146 -11.99 -6.91 37.54
CA ASP C 146 -11.75 -5.46 37.25
C ASP C 146 -12.11 -5.16 35.79
N ALA C 147 -11.70 -6.01 34.85
CA ALA C 147 -11.91 -5.82 33.40
C ALA C 147 -13.41 -5.70 33.11
N MET C 148 -14.24 -6.53 33.76
CA MET C 148 -15.69 -6.62 33.45
C MET C 148 -16.45 -5.38 33.97
N LEU C 149 -15.81 -4.51 34.76
CA LEU C 149 -16.41 -3.22 35.21
C LEU C 149 -16.34 -2.17 34.10
N GLY C 150 -15.48 -2.37 33.09
CA GLY C 150 -15.34 -1.48 31.93
C GLY C 150 -16.28 -1.83 30.80
N THR C 151 -16.12 -1.17 29.65
CA THR C 151 -16.82 -1.52 28.40
C THR C 151 -16.34 -2.92 28.01
N HIS C 152 -17.24 -3.85 27.76
CA HIS C 152 -16.81 -5.22 27.44
C HIS C 152 -17.87 -6.00 26.65
N ILE C 153 -17.40 -7.05 26.01
CA ILE C 153 -18.26 -8.02 25.30
C ILE C 153 -17.82 -9.43 25.69
N ILE C 154 -18.81 -10.28 25.93
CA ILE C 154 -18.63 -11.74 26.12
CA ILE C 154 -18.60 -11.74 26.12
C ILE C 154 -18.84 -12.41 24.76
N TRP C 155 -17.77 -12.96 24.20
CA TRP C 155 -17.71 -13.64 22.90
C TRP C 155 -17.95 -15.13 23.09
N ASP C 156 -19.03 -15.65 22.52
CA ASP C 156 -19.29 -17.11 22.46
C ASP C 156 -18.72 -17.64 21.15
N LEU C 157 -17.74 -18.56 21.24
CA LEU C 157 -17.15 -19.20 20.04
C LEU C 157 -18.21 -20.08 19.40
N GLY C 158 -18.29 -20.06 18.07
CA GLY C 158 -19.29 -20.84 17.33
C GLY C 158 -19.18 -20.63 15.85
N LEU C 159 -20.29 -20.87 15.13
CA LEU C 159 -20.32 -20.86 13.65
C LEU C 159 -19.88 -19.49 13.15
N GLN C 160 -20.39 -18.40 13.75
CA GLN C 160 -19.89 -17.03 13.47
C GLN C 160 -18.51 -16.93 14.12
N SER C 161 -17.47 -16.82 13.29
CA SER C 161 -16.05 -17.06 13.65
C SER C 161 -15.46 -15.89 14.44
N SER C 162 -16.04 -14.69 14.27
CA SER C 162 -15.39 -13.40 14.58
C SER C 162 -16.28 -12.60 15.53
N CYS C 163 -15.65 -11.88 16.45
CA CYS C 163 -16.34 -10.98 17.40
C CYS C 163 -15.68 -9.62 17.37
N THR C 164 -16.49 -8.57 17.34
CA THR C 164 -16.03 -7.16 17.32
C THR C 164 -16.26 -6.56 18.72
N MET C 165 -15.17 -6.09 19.34
CA MET C 165 -15.20 -5.25 20.56
C MET C 165 -14.91 -3.82 20.12
N LEU C 166 -15.70 -2.86 20.59
CA LEU C 166 -15.47 -1.42 20.29
C LEU C 166 -14.76 -0.79 21.48
N ALA C 167 -13.76 0.06 21.19
CA ALA C 167 -13.28 1.11 22.10
C ALA C 167 -14.00 2.38 21.66
N PRO C 168 -15.21 2.68 22.20
CA PRO C 168 -15.95 3.86 21.79
C PRO C 168 -15.11 5.10 22.16
N TRP C 169 -15.28 6.16 21.38
CA TRP C 169 -14.63 7.47 21.67
C TRP C 169 -15.09 7.96 23.04
N ILE C 170 -14.21 7.85 24.02
CA ILE C 170 -14.42 8.33 25.42
C ILE C 170 -13.12 9.04 25.79
N SER C 171 -13.16 10.37 25.77
CA SER C 171 -11.97 11.24 25.90
C SER C 171 -12.38 12.56 26.55
N ASN C 172 -11.48 13.15 27.34
CA ASN C 172 -11.64 14.55 27.82
C ASN C 172 -11.47 15.49 26.62
N THR C 173 -10.33 15.41 25.93
CA THR C 173 -10.02 16.28 24.77
C THR C 173 -10.85 15.83 23.57
N VAL C 174 -11.06 16.73 22.62
CA VAL C 174 -11.84 16.44 21.38
C VAL C 174 -10.95 15.62 20.44
N TYR C 175 -9.63 15.79 20.53
CA TYR C 175 -8.62 14.96 19.83
C TYR C 175 -7.59 14.48 20.83
N ARG C 176 -7.06 13.28 20.59
CA ARG C 176 -5.87 12.74 21.27
C ARG C 176 -4.66 13.01 20.38
N ARG C 177 -3.47 12.99 20.98
CA ARG C 177 -2.21 13.19 20.24
C ARG C 177 -1.70 11.83 19.76
N CYS C 178 -1.12 11.80 18.55
CA CYS C 178 -0.50 10.61 17.92
C CYS C 178 0.92 10.40 18.46
N ILE C 179 1.07 10.44 19.78
CA ILE C 179 2.33 10.20 20.54
C ILE C 179 1.94 9.57 21.87
N LYS C 180 2.91 8.99 22.57
CA LYS C 180 2.73 8.55 23.96
C LYS C 180 2.60 9.82 24.80
N ASP C 181 1.49 9.96 25.53
CA ASP C 181 1.13 11.22 26.22
C ASP C 181 0.14 10.90 27.35
N ASP C 182 0.49 11.24 28.59
CA ASP C 182 -0.38 11.00 29.77
C ASP C 182 -1.71 11.73 29.61
N PHE C 183 -1.68 13.00 29.17
CA PHE C 183 -2.89 13.85 29.10
C PHE C 183 -3.93 13.24 28.15
N THR C 184 -3.49 12.65 27.03
CA THR C 184 -4.39 12.05 26.00
C THR C 184 -4.28 10.53 26.02
N GLU C 185 -3.93 9.93 27.16
CA GLU C 185 -3.98 8.46 27.34
C GLU C 185 -5.40 7.96 27.02
N GLY C 186 -5.50 6.76 26.45
CA GLY C 186 -6.76 6.21 25.91
C GLY C 186 -7.35 5.10 26.77
N GLY C 187 -6.58 4.53 27.70
CA GLY C 187 -7.04 3.44 28.57
C GLY C 187 -6.54 2.08 28.12
N TYR C 188 -7.23 1.02 28.53
CA TYR C 188 -6.68 -0.34 28.65
C TYR C 188 -7.60 -1.34 27.97
N ILE C 189 -7.04 -2.14 27.07
CA ILE C 189 -7.76 -3.28 26.42
C ILE C 189 -7.16 -4.57 26.99
N THR C 190 -8.02 -5.45 27.49
CA THR C 190 -7.65 -6.74 28.11
CA THR C 190 -7.55 -6.77 27.97
C THR C 190 -8.59 -7.84 27.63
N CYS C 191 -8.26 -9.07 27.96
CA CYS C 191 -8.95 -10.27 27.47
C CYS C 191 -8.74 -11.39 28.47
N PHE C 192 -9.84 -12.04 28.87
CA PHE C 192 -9.85 -13.15 29.86
C PHE C 192 -10.75 -14.26 29.33
N TYR C 193 -10.46 -15.50 29.76
CA TYR C 193 -11.43 -16.61 29.63
C TYR C 193 -12.64 -16.27 30.49
N GLN C 194 -13.83 -16.30 29.88
CA GLN C 194 -15.13 -16.12 30.58
C GLN C 194 -15.52 -17.45 31.19
N THR C 195 -15.44 -18.52 30.40
CA THR C 195 -15.47 -19.93 30.89
C THR C 195 -14.06 -20.48 30.70
N ARG C 196 -13.89 -21.41 29.78
CA ARG C 196 -12.57 -21.79 29.23
C ARG C 196 -12.81 -22.32 27.82
N ILE C 197 -11.75 -22.47 27.05
CA ILE C 197 -11.84 -23.25 25.78
C ILE C 197 -11.93 -24.71 26.19
N VAL C 198 -12.88 -25.44 25.61
CA VAL C 198 -13.07 -26.89 25.85
C VAL C 198 -12.95 -27.59 24.50
N VAL C 199 -12.20 -28.69 24.47
CA VAL C 199 -12.07 -29.56 23.28
C VAL C 199 -12.36 -30.99 23.72
N PRO C 200 -12.85 -31.84 22.80
CA PRO C 200 -12.91 -33.28 23.05
C PRO C 200 -11.53 -33.89 22.75
N SER C 201 -11.40 -35.21 22.90
CA SER C 201 -10.13 -35.94 22.61
C SER C 201 -9.85 -35.88 21.10
N GLY C 202 -8.59 -36.10 20.72
CA GLY C 202 -8.15 -36.11 19.32
C GLY C 202 -8.19 -34.72 18.69
N THR C 203 -8.11 -33.67 19.51
CA THR C 203 -8.25 -32.25 19.12
C THR C 203 -7.11 -31.44 19.71
N PRO C 204 -6.54 -30.44 18.99
CA PRO C 204 -5.48 -29.62 19.58
C PRO C 204 -6.00 -28.87 20.82
N THR C 205 -5.22 -28.89 21.90
CA THR C 205 -5.57 -28.25 23.20
C THR C 205 -4.98 -26.83 23.26
N SER C 206 -4.11 -26.48 22.32
CA SER C 206 -3.62 -25.09 22.13
CA SER C 206 -3.55 -25.13 22.11
C SER C 206 -3.93 -24.66 20.71
N MET C 207 -4.19 -23.37 20.54
CA MET C 207 -4.65 -22.79 19.26
CA MET C 207 -4.66 -22.79 19.26
C MET C 207 -4.43 -21.28 19.31
N PHE C 208 -4.90 -20.56 18.29
CA PHE C 208 -4.68 -19.10 18.19
C PHE C 208 -5.97 -18.40 17.81
N MET C 209 -6.01 -17.12 18.12
CA MET C 209 -6.91 -16.14 17.47
C MET C 209 -6.06 -15.02 16.87
N LEU C 210 -6.63 -14.33 15.88
CA LEU C 210 -6.02 -13.14 15.24
C LEU C 210 -6.83 -11.93 15.66
N ALA C 211 -6.14 -10.84 16.01
CA ALA C 211 -6.75 -9.56 16.39
C ALA C 211 -6.53 -8.57 15.24
N PHE C 212 -7.59 -7.91 14.81
CA PHE C 212 -7.56 -6.85 13.78
C PHE C 212 -8.00 -5.53 14.41
N VAL C 213 -7.47 -4.43 13.91
CA VAL C 213 -7.91 -3.06 14.31
C VAL C 213 -8.29 -2.30 13.04
N SER C 214 -9.34 -1.48 13.16
CA SER C 214 -9.78 -0.52 12.12
C SER C 214 -10.45 0.67 12.80
N ALA C 215 -10.49 1.79 12.08
CA ALA C 215 -11.20 3.03 12.49
C ALA C 215 -12.69 2.87 12.15
N CYS C 216 -13.55 3.46 12.98
CA CYS C 216 -15.01 3.57 12.72
C CYS C 216 -15.30 4.80 11.84
N PRO C 217 -16.52 4.91 11.28
CA PRO C 217 -16.89 6.10 10.49
C PRO C 217 -16.91 7.44 11.25
N ASP C 218 -16.88 7.42 12.59
CA ASP C 218 -16.77 8.65 13.43
C ASP C 218 -15.32 9.13 13.53
N PHE C 219 -14.37 8.44 12.90
CA PHE C 219 -12.91 8.65 13.10
C PHE C 219 -12.39 9.69 12.10
N SER C 220 -11.55 10.60 12.57
CA SER C 220 -10.84 11.57 11.71
C SER C 220 -9.49 11.93 12.33
N VAL C 221 -8.62 12.52 11.50
CA VAL C 221 -7.23 12.89 11.89
C VAL C 221 -6.97 14.33 11.45
N ARG C 222 -6.01 14.98 12.10
CA ARG C 222 -5.60 16.36 11.77
C ARG C 222 -4.09 16.53 11.93
N LEU C 223 -3.61 17.59 11.29
CA LEU C 223 -2.26 18.20 11.41
C LEU C 223 -1.24 17.22 10.84
N LEU C 224 -1.12 17.26 9.52
CA LEU C 224 -0.16 16.46 8.74
C LEU C 224 1.24 16.67 9.32
N ARG C 225 1.99 15.58 9.43
CA ARG C 225 3.39 15.62 9.95
C ARG C 225 4.18 14.49 9.31
N ASP C 226 5.50 14.60 9.39
CA ASP C 226 6.41 13.50 8.97
C ASP C 226 6.33 12.39 10.00
N THR C 227 6.46 11.16 9.52
CA THR C 227 6.47 9.93 10.33
C THR C 227 7.88 9.69 10.85
N ASN C 228 7.98 9.05 12.00
CA ASN C 228 9.27 8.53 12.54
C ASN C 228 9.54 7.10 12.02
N HIS C 229 8.77 6.56 11.06
CA HIS C 229 8.88 5.15 10.60
C HIS C 229 9.75 5.01 9.35
N ILE C 230 10.24 6.09 8.75
CA ILE C 230 11.16 6.03 7.57
C ILE C 230 12.25 7.09 7.73
N SER C 231 13.47 6.75 7.33
CA SER C 231 14.66 7.65 7.42
C SER C 231 15.69 7.22 6.40
N GLN C 232 16.77 8.01 6.25
CA GLN C 232 17.93 7.61 5.41
C GLN C 232 19.20 8.26 5.97
N ARG C 233 20.35 7.61 5.69
CA ARG C 233 21.71 8.10 6.06
C ARG C 233 22.03 9.32 5.19
N THR C 234 22.86 10.24 5.71
CA THR C 234 23.30 11.49 5.01
C THR C 234 24.81 11.67 5.16
N GLY D 2 -13.53 36.29 -14.94
CA GLY D 2 -13.83 34.83 -14.71
C GLY D 2 -13.45 34.40 -13.29
N ALA D 3 -13.81 35.22 -12.30
CA ALA D 3 -13.48 35.02 -10.88
C ALA D 3 -14.40 33.93 -10.30
N GLN D 4 -13.83 32.99 -9.56
CA GLN D 4 -14.58 31.97 -8.78
C GLN D 4 -14.60 32.44 -7.32
N VAL D 5 -15.79 32.52 -6.72
CA VAL D 5 -15.97 32.83 -5.27
C VAL D 5 -16.44 31.55 -4.58
N SER D 6 -15.69 31.09 -3.57
CA SER D 6 -15.91 29.79 -2.87
C SER D 6 -15.81 30.01 -1.36
N SER D 7 -16.38 29.09 -0.58
CA SER D 7 -16.31 29.07 0.91
C SER D 7 -14.88 28.77 1.34
N GLN D 8 -14.36 29.52 2.32
CA GLN D 8 -13.08 29.21 2.97
C GLN D 8 -13.29 28.07 3.98
N LYS D 9 -12.21 27.36 4.30
CA LYS D 9 -12.16 26.46 5.49
C LYS D 9 -12.25 27.34 6.75
N VAL D 10 -13.19 27.05 7.66
CA VAL D 10 -13.43 27.90 8.86
C VAL D 10 -12.19 27.91 9.80
N GLY D 11 -11.98 29.01 10.51
CA GLY D 11 -10.88 29.19 11.48
C GLY D 11 -11.41 29.30 12.89
N ALA D 12 -10.66 29.97 13.77
CA ALA D 12 -10.93 30.16 15.22
C ALA D 12 -12.34 30.71 15.48
N HIS D 13 -12.85 31.61 14.62
CA HIS D 13 -14.10 32.39 14.88
C HIS D 13 -15.12 32.11 13.78
N VAL D 25 -16.31 35.05 4.90
CA VAL D 25 -15.67 33.70 4.89
C VAL D 25 -15.81 33.08 3.47
N ASN D 26 -15.83 33.90 2.43
CA ASN D 26 -15.56 33.48 1.03
C ASN D 26 -14.17 33.97 0.62
N TYR D 27 -13.61 33.38 -0.43
CA TYR D 27 -12.36 33.84 -1.07
C TYR D 27 -12.54 33.77 -2.59
N THR D 28 -11.72 34.54 -3.29
CA THR D 28 -11.78 34.74 -4.76
C THR D 28 -10.54 34.12 -5.40
N THR D 29 -10.74 33.36 -6.48
CA THR D 29 -9.69 32.76 -7.32
C THR D 29 -9.91 33.20 -8.76
N ILE D 30 -8.85 33.69 -9.41
CA ILE D 30 -8.76 33.88 -10.88
C ILE D 30 -7.59 33.02 -11.36
N ASN D 31 -7.79 32.18 -12.38
CA ASN D 31 -6.69 31.43 -13.04
C ASN D 31 -6.00 32.36 -14.03
N TYR D 32 -4.67 32.47 -13.92
CA TYR D 32 -3.83 33.41 -14.70
C TYR D 32 -3.20 32.71 -15.90
N TYR D 33 -3.22 31.37 -15.95
CA TYR D 33 -2.42 30.56 -16.91
C TYR D 33 -3.34 29.74 -17.80
N LYS D 34 -2.88 29.45 -19.03
CA LYS D 34 -3.68 28.76 -20.06
C LYS D 34 -3.66 27.24 -19.86
N ASP D 35 -2.80 26.72 -18.98
CA ASP D 35 -2.67 25.25 -18.69
C ASP D 35 -3.25 24.97 -17.31
N SER D 36 -4.18 24.02 -17.18
CA SER D 36 -4.79 23.61 -15.88
CA SER D 36 -4.78 23.63 -15.88
C SER D 36 -3.69 23.10 -14.93
N ALA D 37 -2.59 22.55 -15.46
CA ALA D 37 -1.45 22.09 -14.63
C ALA D 37 -0.91 23.23 -13.76
N SER D 38 -1.02 24.48 -14.21
CA SER D 38 -0.58 25.70 -13.48
C SER D 38 -1.47 25.98 -12.26
N ASN D 39 -2.69 25.44 -12.22
CA ASN D 39 -3.69 25.81 -11.19
C ASN D 39 -3.21 25.40 -9.80
N ALA D 40 -3.72 26.11 -8.80
CA ALA D 40 -3.57 25.79 -7.36
C ALA D 40 -4.27 24.45 -7.06
N ALA D 41 -4.20 23.99 -5.82
CA ALA D 41 -4.73 22.69 -5.37
C ALA D 41 -6.19 22.53 -5.81
N SER D 42 -6.58 21.29 -6.15
CA SER D 42 -7.99 20.89 -6.35
C SER D 42 -8.78 21.26 -5.09
N LYS D 43 -10.04 21.65 -5.28
CA LYS D 43 -10.98 21.96 -4.16
C LYS D 43 -11.19 20.68 -3.35
N LEU D 44 -11.41 20.81 -2.04
CA LEU D 44 -11.67 19.67 -1.12
C LEU D 44 -12.69 18.73 -1.75
N ASP D 45 -12.32 17.46 -1.90
CA ASP D 45 -13.21 16.37 -2.39
C ASP D 45 -13.44 15.41 -1.22
N PHE D 46 -14.64 15.45 -0.64
CA PHE D 46 -15.05 14.62 0.52
C PHE D 46 -15.61 13.26 0.05
N SER D 47 -15.55 12.95 -1.25
CA SER D 47 -15.94 11.63 -1.80
C SER D 47 -15.28 10.53 -0.97
N GLN D 48 -16.01 9.44 -0.71
CA GLN D 48 -15.39 8.22 -0.15
C GLN D 48 -16.35 7.04 -0.35
N ASP D 49 -15.78 5.84 -0.41
CA ASP D 49 -16.55 4.58 -0.51
C ASP D 49 -15.69 3.49 0.14
N PRO D 50 -15.55 3.49 1.49
CA PRO D 50 -14.64 2.55 2.15
C PRO D 50 -15.00 1.09 1.81
N SER D 51 -16.28 0.82 1.51
CA SER D 51 -16.82 -0.55 1.27
CA SER D 51 -16.83 -0.54 1.24
C SER D 51 -16.06 -1.26 0.14
N LYS D 52 -15.49 -0.52 -0.84
CA LYS D 52 -14.74 -1.19 -1.94
C LYS D 52 -13.49 -1.88 -1.37
N PHE D 53 -13.01 -1.48 -0.18
CA PHE D 53 -11.86 -2.09 0.52
C PHE D 53 -12.31 -2.85 1.77
N THR D 54 -13.32 -2.35 2.50
CA THR D 54 -13.70 -2.90 3.84
C THR D 54 -14.75 -4.00 3.70
N GLU D 55 -15.45 -4.08 2.57
CA GLU D 55 -16.59 -5.02 2.38
C GLU D 55 -16.78 -5.34 0.91
N PRO D 56 -15.72 -5.78 0.17
CA PRO D 56 -15.85 -6.02 -1.28
C PRO D 56 -16.45 -7.40 -1.57
N VAL D 57 -17.63 -7.67 -1.02
CA VAL D 57 -18.25 -9.03 -1.04
C VAL D 57 -19.32 -9.03 -2.14
N LYS D 58 -19.52 -10.19 -2.76
CA LYS D 58 -20.49 -10.35 -3.87
C LYS D 58 -21.92 -10.25 -3.31
N ASP D 59 -22.18 -10.92 -2.18
CA ASP D 59 -23.54 -11.01 -1.58
C ASP D 59 -23.61 -10.07 -0.39
N ILE D 60 -24.63 -9.22 -0.36
CA ILE D 60 -24.84 -8.18 0.70
C ILE D 60 -24.79 -8.87 2.07
N MET D 61 -24.05 -8.27 3.00
CA MET D 61 -23.98 -8.72 4.41
C MET D 61 -24.70 -7.68 5.27
N ILE D 62 -25.82 -8.07 5.87
CA ILE D 62 -26.59 -7.22 6.82
C ILE D 62 -25.94 -7.43 8.20
N LYS D 63 -25.45 -6.36 8.80
CA LYS D 63 -24.70 -6.34 10.09
C LYS D 63 -25.45 -7.13 11.17
N THR D 64 -26.77 -6.95 11.26
CA THR D 64 -27.64 -7.56 12.31
C THR D 64 -27.89 -9.04 12.03
N ALA D 65 -27.69 -9.50 10.78
CA ALA D 65 -27.90 -10.90 10.35
C ALA D 65 -26.59 -11.68 10.55
N PRO D 66 -26.65 -13.02 10.63
CA PRO D 66 -25.42 -13.83 10.65
C PRO D 66 -24.62 -13.59 9.35
N ALA D 67 -23.30 -13.44 9.49
CA ALA D 67 -22.36 -13.31 8.35
C ALA D 67 -22.44 -14.58 7.48
N LEU D 68 -22.60 -15.75 8.11
CA LEU D 68 -22.72 -17.05 7.44
C LEU D 68 -24.02 -17.72 7.87
N ASN D 69 -24.95 -17.86 6.94
CA ASN D 69 -26.25 -18.56 7.11
C ASN D 69 -26.28 -19.71 6.09
C1 SIA E . 40.33 29.16 3.56
C2 SIA E . 40.24 27.87 4.35
C3 SIA E . 38.86 27.64 4.97
C4 SIA E . 37.84 27.10 3.95
C5 SIA E . 38.38 25.82 3.31
C6 SIA E . 39.67 26.24 2.59
C7 SIA E . 40.32 25.11 1.77
C8 SIA E . 41.70 25.52 1.23
C9 SIA E . 42.05 24.69 0.00
C10 SIA E . 36.74 24.10 2.61
C11 SIA E . 35.69 23.77 1.57
N5 SIA E . 37.40 25.25 2.41
O1A SIA E . 40.05 30.24 4.14
O1B SIA E . 40.71 29.14 2.35
O2 SIA E . 41.20 27.99 5.42
O4 SIA E . 36.56 26.83 4.55
O6 SIA E . 40.63 26.73 3.55
O7 SIA E . 40.46 23.94 2.59
O8 SIA E . 41.75 26.93 0.90
O9 SIA E . 43.47 24.65 -0.16
O10 SIA E . 36.94 23.36 3.57
O1 HEZ F . 19.33 38.59 -6.76
C1 HEZ F . 18.47 39.19 -5.81
C2 HEZ F . 18.87 40.62 -5.45
C3 HEZ F . 20.14 41.20 -6.14
C4 HEZ F . 21.53 40.88 -5.47
C5 HEZ F . 22.69 40.72 -6.48
C6 HEZ F . 24.04 41.22 -5.97
O6 HEZ F . 24.61 42.29 -6.74
CA CA G . -21.99 14.14 11.23
CA CA H . -27.05 0.21 21.65
CA CA I . -23.49 -10.17 12.03
CL CL J . 30.22 35.60 -17.40
CL CL K . 24.39 29.49 -24.09
CL CL L . 16.32 -20.41 -23.56
CA CA M . -14.96 -14.96 -30.28
CL CL N . 3.41 -23.35 -16.29
#